data_7XAU
#
_entry.id   7XAU
#
_cell.length_a   1.00
_cell.length_b   1.00
_cell.length_c   1.00
_cell.angle_alpha   90.00
_cell.angle_beta   90.00
_cell.angle_gamma   90.00
#
_symmetry.space_group_name_H-M   'P 1'
#
loop_
_entity.id
_entity.type
_entity.pdbx_description
1 polymer 'Somatostatin receptor type 2,LargeBit'
2 polymer 'Guanine nucleotide-binding protein G(i) subunit alpha-1'
3 polymer 'Guanine nucleotide-binding protein G(I)/G(S)/G(T) subunit beta-1'
4 polymer 'Guanine nucleotide-binding protein G(I)/G(S)/G(O) subunit gamma-2'
5 polymer ScFv16
6 polymer Octreotide
#
loop_
_entity_poly.entity_id
_entity_poly.type
_entity_poly.pdbx_seq_one_letter_code
_entity_poly.pdbx_strand_id
1 'polypeptide(L)'
;MKTIIALSYIFCLVFADYKDDDDKGSGSHHHHHHHHHHLEVLFQGPMDMADEPLNGSHTWLSIPFDLNGSVVSTNTSNQT
EPYYDLTSNAVLTFIYFVVCIIGLCGNTLVIYVILRYAKMKTITNIYILNLAIADELFMLGLPFLAMQVALVHWPFGKAI
CRVVMTVDGINQFTSIFCLTVMSIDRYLAVVHPIKSAKWRRPRTAKMITMAVWGVSLLVILPIMIYAGLRSNQWGRSSCT
INWPGESGAWYTGFIIYTFILGFLVPLTIICLCYLFIIIKVKSSGIRVGSSKRKKSEKKVTRMVSIVVAVFIFCWLPFYI
FNVSSVSMAISPTPALKGMFDFVVVLTYANSCANPILYAFLSDNFKKSFQNVLCLVKVSGTDDGERSDSKQDKSRLNETT
ETQRTVFTLEDFVGDWEQTAAYNLDQVLEQGGVSSLLQNLAVSVTPIQRIVRSGENALKIDIHVIIPYEGLSADQMAQIE
EVFKVVYPVDDHHFKVILPYGTLVIDGVTPNMLNYFGRPYEGIAVFDGKKITVTGTLWNGNKIIDERLITPDGSMLFRVT
INS
;
A
2 'polypeptide(L)'
;MGCTLSAEDKAAVERSKMIDRNLREDGEKAAREVKLLLLGAGESGKNTIVKQMKIIHEAGYSEEECKQYKAVVYSNTIQS
IIAIIRAMGRLKIDFGDSARADDARQLFVLAGAAEEGFMTAELAGVIKRLWKDSGVQACFNRSREYQLNDSAAYYLNDLD
RIAQPNYIPTQQDVLRTRVKTTGIVETHFTFKDLHFKMFDVGAQRSERKKWIHCFEGVTAIIFCVALSDYDLVLAEDEEM
NRMHESMKLFDSICNNKWFTDTSIILFLNKKDLFEEKIKKSPLTICYPEYAGSNTYEEAAAYIQCQFEDLNKRKDTKEIY
THFTCSTDTKNVQFVFDAVTDVIIKNNLKDCGLF
;
B
3 'polypeptide(L)'
;MHHHHHHGSLLQSELDQLRQEAEQLKNQIRDARKACADATLSQITNNIDPVGRIQMRTRRTLRGHLAKIYAMHWGTDSRL
LVSASQDGKLIIWDSYTTNKVHAIPLRSSWVMTCAYAPSGNYVACGGLDNICSIYNLKTREGNVRVSRELAGHTGYLSCC
RFLDDNQIVTSSGDTTCALWDIETGQQTTTFTGHTGDVMSLSLAPDTRLFVSGACDASAKLWDVREGMCRQTFTGHESDI
NAICFFPNGNAFATGSDDATCRLFDLRADQELMTYSHDNIICGITSVSFSKSGRLLLAGYDDFNCNVWDALKADRAGVLA
GHDNRVSCLGVTDDGMAVATGSWDSFLKIWNGSS
;
C
4 'polypeptide(L)' MASNNTASIAQARKLVEQLKMEANIDRIKVSKAAADLMAYCEAHAKEDPLLTPVPASENPFREKKFFCAIL D
5 'polypeptide(L)'
;MLLVNQSHQGFNKEHTSKMVSAIVLYVLLAAAAHSAFDVQLVESGGGLVQPGGSRKLSCSASGFAFSSFGMHWVRQAPEK
GLEWVAYISSGSGTIYYADTVKGRFTISRDDPKNTLFLQMTSLRSEDTAMYYCVRSIYYYGSSPFDFWGQGTTLTVSSGG
GGSGGGGSGGGGSSDIVMTQATSSVPVTPGESVSISCRSSKSLLHSNGNTYLYWFLQRPGQSPQLLIYRMSNLASGVPDR
FSGSGSGTAFTLTISRLEAEDVGVYYCMQHLEYPLTFGAGTKLELVDENLYFQGASHHHHHHHH
;
E
6 'polypeptide(L)' (DPN)CF(DTR)KTC(THO) F
#
# COMPACT_ATOMS: atom_id res chain seq x y z
N THR A 87 14.76 4.71 -59.53
CA THR A 87 14.13 5.45 -58.44
C THR A 87 13.20 4.55 -57.64
N SER A 88 12.93 3.35 -58.17
CA SER A 88 11.99 2.45 -57.54
C SER A 88 12.57 1.82 -56.28
N ASN A 89 13.89 1.59 -56.25
CA ASN A 89 14.53 1.02 -55.07
C ASN A 89 15.16 2.07 -54.18
N ALA A 90 15.27 3.32 -54.64
CA ALA A 90 15.93 4.36 -53.85
C ALA A 90 15.02 4.93 -52.78
N VAL A 91 13.90 5.54 -53.18
CA VAL A 91 13.03 6.21 -52.22
C VAL A 91 12.26 5.22 -51.36
N LEU A 92 11.93 4.04 -51.89
CA LEU A 92 11.14 3.09 -51.12
C LEU A 92 11.99 2.42 -50.04
N THR A 93 13.29 2.35 -50.25
CA THR A 93 14.19 1.94 -49.16
C THR A 93 14.24 3.02 -48.08
N PHE A 94 14.16 4.29 -48.49
CA PHE A 94 14.11 5.38 -47.51
C PHE A 94 12.75 5.48 -46.84
N ILE A 95 11.74 4.77 -47.35
CA ILE A 95 10.46 4.67 -46.64
C ILE A 95 10.63 3.82 -45.39
N TYR A 96 11.49 2.79 -45.47
CA TYR A 96 11.73 1.89 -44.34
C TYR A 96 12.33 2.61 -43.14
N PHE A 97 13.14 3.65 -43.38
CA PHE A 97 13.81 4.31 -42.27
C PHE A 97 12.88 5.19 -41.46
N VAL A 98 11.83 5.74 -42.07
CA VAL A 98 10.89 6.54 -41.29
C VAL A 98 9.96 5.62 -40.51
N VAL A 99 9.74 4.40 -41.00
CA VAL A 99 9.05 3.39 -40.22
C VAL A 99 9.95 2.90 -39.10
N CYS A 100 11.26 2.90 -39.35
CA CYS A 100 12.22 2.36 -38.39
C CYS A 100 12.33 3.25 -37.15
N ILE A 101 11.97 4.52 -37.26
CA ILE A 101 12.06 5.39 -36.09
C ILE A 101 10.74 5.40 -35.32
N ILE A 102 9.62 5.72 -35.99
CA ILE A 102 8.37 5.88 -35.24
C ILE A 102 7.82 4.53 -34.83
N GLY A 103 8.21 3.47 -35.53
CA GLY A 103 7.91 2.14 -35.08
C GLY A 103 8.78 1.67 -33.94
N LEU A 104 9.88 2.36 -33.65
CA LEU A 104 10.81 1.95 -32.59
C LEU A 104 11.12 3.07 -31.60
N CYS A 105 10.58 4.26 -31.80
CA CYS A 105 10.71 5.33 -30.82
C CYS A 105 9.37 5.82 -30.30
N GLY A 106 8.36 5.92 -31.16
CA GLY A 106 7.01 6.17 -30.67
C GLY A 106 6.45 4.96 -29.95
N ASN A 107 6.97 3.78 -30.27
CA ASN A 107 6.59 2.56 -29.57
C ASN A 107 7.42 2.33 -28.32
N THR A 108 8.65 2.87 -28.25
CA THR A 108 9.48 2.56 -27.10
C THR A 108 9.14 3.45 -25.91
N LEU A 109 8.41 4.53 -26.15
CA LEU A 109 7.96 5.36 -25.02
C LEU A 109 6.85 4.66 -24.26
N VAL A 110 6.14 3.75 -24.92
CA VAL A 110 5.14 2.93 -24.25
C VAL A 110 5.81 2.01 -23.22
N ILE A 111 7.01 1.53 -23.52
CA ILE A 111 7.75 0.73 -22.55
C ILE A 111 8.25 1.62 -21.40
N TYR A 112 8.44 2.90 -21.69
CA TYR A 112 8.84 3.83 -20.63
C TYR A 112 7.69 4.10 -19.67
N VAL A 113 6.51 4.39 -20.20
CA VAL A 113 5.42 4.84 -19.34
C VAL A 113 4.75 3.67 -18.64
N ILE A 114 5.10 2.44 -19.00
CA ILE A 114 4.59 1.30 -18.26
C ILE A 114 5.58 0.88 -17.17
N LEU A 115 6.88 0.86 -17.49
CA LEU A 115 7.85 0.39 -16.51
C LEU A 115 8.03 1.41 -15.38
N ARG A 116 8.27 2.67 -15.73
CA ARG A 116 8.56 3.68 -14.70
C ARG A 116 7.28 4.24 -14.10
N TYR A 117 6.49 4.93 -14.90
CA TYR A 117 5.33 5.68 -14.42
C TYR A 117 4.10 4.78 -14.47
N ALA A 118 4.14 3.77 -13.60
CA ALA A 118 3.58 2.47 -13.90
C ALA A 118 2.07 2.33 -13.77
N LYS A 119 1.58 1.21 -14.26
CA LYS A 119 0.38 0.55 -13.78
C LYS A 119 0.73 -0.93 -13.73
N MET A 120 2.02 -1.18 -13.45
CA MET A 120 2.80 -2.36 -13.80
C MET A 120 2.15 -3.72 -13.58
N LYS A 121 1.24 -3.85 -12.62
CA LYS A 121 0.52 -5.11 -12.42
C LYS A 121 -0.97 -4.86 -12.27
N THR A 122 -1.53 -4.05 -13.16
CA THR A 122 -2.92 -4.21 -13.55
C THR A 122 -2.95 -5.10 -14.78
N ILE A 123 -4.14 -5.58 -15.14
CA ILE A 123 -4.25 -6.54 -16.22
C ILE A 123 -4.07 -5.89 -17.59
N THR A 124 -4.51 -4.65 -17.76
CA THR A 124 -4.43 -4.00 -19.06
C THR A 124 -3.06 -3.40 -19.37
N ASN A 125 -2.08 -3.54 -18.48
CA ASN A 125 -0.80 -2.94 -18.80
C ASN A 125 0.34 -3.94 -18.93
N ILE A 126 0.08 -5.22 -18.65
CA ILE A 126 1.05 -6.22 -19.07
C ILE A 126 0.60 -6.86 -20.38
N TYR A 127 -0.69 -6.84 -20.65
CA TYR A 127 -1.19 -7.16 -21.97
C TYR A 127 -0.82 -6.13 -23.01
N ILE A 128 -0.63 -4.87 -22.63
CA ILE A 128 -0.17 -3.88 -23.58
C ILE A 128 1.34 -3.74 -23.54
N LEU A 129 2.02 -4.50 -22.69
CA LEU A 129 3.47 -4.42 -22.62
C LEU A 129 4.15 -5.34 -23.62
N ASN A 130 3.67 -6.56 -23.80
CA ASN A 130 4.16 -7.40 -24.88
C ASN A 130 3.93 -6.79 -26.25
N LEU A 131 2.78 -6.16 -26.45
CA LEU A 131 2.54 -5.45 -27.69
C LEU A 131 3.38 -4.19 -27.77
N ALA A 132 3.96 -3.74 -26.68
CA ALA A 132 5.01 -2.76 -26.77
C ALA A 132 6.38 -3.40 -26.90
N ILE A 133 6.54 -4.66 -26.51
CA ILE A 133 7.83 -5.32 -26.64
C ILE A 133 7.98 -5.93 -28.03
N ALA A 134 6.95 -6.65 -28.48
CA ALA A 134 6.98 -7.33 -29.77
C ALA A 134 6.94 -6.35 -30.94
N ASP A 135 6.33 -5.19 -30.75
CA ASP A 135 6.31 -4.22 -31.82
C ASP A 135 7.54 -3.32 -31.80
N GLU A 136 8.31 -3.34 -30.72
CA GLU A 136 9.52 -2.52 -30.67
C GLU A 136 10.62 -3.12 -31.51
N LEU A 137 11.01 -4.35 -31.18
CA LEU A 137 12.12 -5.01 -31.84
C LEU A 137 11.74 -5.68 -33.16
N PHE A 138 10.47 -5.61 -33.58
CA PHE A 138 10.11 -6.00 -34.94
C PHE A 138 10.61 -5.01 -35.97
N MET A 139 10.53 -3.72 -35.68
CA MET A 139 11.10 -2.71 -36.55
C MET A 139 12.61 -2.67 -36.49
N LEU A 140 13.22 -3.35 -35.52
CA LEU A 140 14.67 -3.49 -35.49
C LEU A 140 15.14 -4.57 -36.47
N GLY A 141 14.23 -5.46 -36.87
CA GLY A 141 14.55 -6.46 -37.87
C GLY A 141 14.31 -5.95 -39.27
N LEU A 142 13.77 -4.75 -39.38
CA LEU A 142 13.53 -4.08 -40.66
C LEU A 142 14.77 -3.55 -41.38
N PRO A 143 15.77 -2.90 -40.73
CA PRO A 143 16.89 -2.36 -41.54
C PRO A 143 17.78 -3.41 -42.17
N PHE A 144 17.77 -4.65 -41.68
CA PHE A 144 18.42 -5.72 -42.40
C PHE A 144 17.70 -6.02 -43.71
N LEU A 145 16.37 -6.11 -43.67
CA LEU A 145 15.60 -6.25 -44.90
C LEU A 145 15.58 -4.98 -45.73
N ALA A 146 15.76 -3.81 -45.10
CA ALA A 146 15.88 -2.58 -45.87
C ALA A 146 17.22 -2.49 -46.58
N MET A 147 18.28 -3.00 -45.95
CA MET A 147 19.57 -3.09 -46.62
C MET A 147 19.58 -4.17 -47.70
N GLN A 148 18.62 -5.09 -47.67
CA GLN A 148 18.48 -6.03 -48.78
C GLN A 148 17.97 -5.32 -50.02
N VAL A 149 16.75 -4.78 -49.97
CA VAL A 149 15.99 -4.42 -51.17
C VAL A 149 16.51 -3.22 -51.93
N ALA A 150 17.59 -2.57 -51.48
CA ALA A 150 18.14 -1.43 -52.20
C ALA A 150 18.94 -1.89 -53.42
N LEU A 151 19.89 -2.80 -53.20
CA LEU A 151 20.78 -3.30 -54.23
C LEU A 151 20.68 -4.81 -54.40
N VAL A 152 19.46 -5.34 -54.55
CA VAL A 152 18.95 -6.53 -53.86
C VAL A 152 19.90 -7.72 -53.81
N HIS A 153 20.28 -8.08 -52.59
CA HIS A 153 21.11 -9.23 -52.23
C HIS A 153 21.09 -9.31 -50.71
N TRP A 154 21.66 -10.37 -50.16
CA TRP A 154 21.82 -10.46 -48.71
C TRP A 154 23.13 -9.80 -48.33
N PRO A 155 23.14 -8.83 -47.41
CA PRO A 155 24.41 -8.21 -47.02
C PRO A 155 25.29 -9.13 -46.20
N PHE A 156 24.73 -10.19 -45.63
CA PHE A 156 25.53 -11.21 -44.97
C PHE A 156 25.42 -12.54 -45.69
N GLY A 157 24.19 -13.04 -45.82
CA GLY A 157 23.98 -14.33 -46.46
C GLY A 157 24.53 -15.48 -45.63
N LYS A 158 24.54 -15.30 -44.31
CA LYS A 158 25.25 -16.20 -43.42
C LYS A 158 24.30 -16.72 -42.36
N ALA A 159 24.85 -17.31 -41.29
CA ALA A 159 24.07 -17.71 -40.13
C ALA A 159 23.32 -16.54 -39.50
N ILE A 160 23.87 -15.32 -39.60
CA ILE A 160 23.23 -14.16 -39.00
C ILE A 160 22.08 -13.69 -39.87
N CYS A 161 22.10 -14.01 -41.17
CA CYS A 161 20.96 -13.67 -42.01
C CYS A 161 19.90 -14.74 -41.85
N ARG A 162 20.31 -15.91 -41.34
CA ARG A 162 19.35 -16.97 -41.06
C ARG A 162 18.64 -16.73 -39.74
N VAL A 163 19.11 -15.77 -38.94
CA VAL A 163 18.48 -15.47 -37.67
C VAL A 163 17.71 -14.16 -37.70
N VAL A 164 17.95 -13.29 -38.68
CA VAL A 164 17.09 -12.14 -38.89
C VAL A 164 15.69 -12.56 -39.35
N MET A 165 15.59 -13.53 -40.24
CA MET A 165 14.30 -14.09 -40.62
C MET A 165 13.75 -15.03 -39.55
N THR A 166 14.53 -15.32 -38.50
CA THR A 166 14.04 -16.08 -37.38
C THR A 166 13.49 -15.20 -36.26
N VAL A 167 13.87 -13.94 -36.18
CA VAL A 167 13.29 -13.02 -35.20
C VAL A 167 12.18 -12.17 -35.78
N ASP A 168 12.14 -11.96 -37.09
CA ASP A 168 10.99 -11.33 -37.73
C ASP A 168 9.84 -12.29 -37.96
N GLY A 169 9.95 -13.53 -37.50
CA GLY A 169 8.78 -14.36 -37.35
C GLY A 169 8.34 -14.42 -35.91
N ILE A 170 9.24 -14.08 -34.98
CA ILE A 170 8.90 -14.13 -33.57
C ILE A 170 8.52 -12.73 -33.09
N ASN A 171 8.93 -11.70 -33.81
CA ASN A 171 8.46 -10.37 -33.45
C ASN A 171 7.31 -9.92 -34.32
N GLN A 172 6.75 -10.82 -35.10
CA GLN A 172 5.62 -10.50 -35.96
C GLN A 172 4.48 -11.48 -35.76
N PHE A 173 4.76 -12.70 -35.34
CA PHE A 173 3.70 -13.60 -34.93
C PHE A 173 3.47 -13.62 -33.44
N THR A 174 3.95 -12.62 -32.70
CA THR A 174 3.46 -12.47 -31.34
C THR A 174 3.05 -11.03 -31.09
N SER A 175 3.35 -10.15 -32.03
CA SER A 175 2.77 -8.82 -31.98
C SER A 175 1.34 -8.82 -32.48
N ILE A 176 0.94 -9.85 -33.22
CA ILE A 176 -0.44 -9.96 -33.64
C ILE A 176 -1.14 -11.17 -33.04
N PHE A 177 -0.51 -11.85 -32.08
CA PHE A 177 -1.25 -12.58 -31.07
C PHE A 177 -1.48 -11.76 -29.82
N CYS A 178 -0.71 -10.70 -29.63
CA CYS A 178 -0.90 -9.87 -28.46
C CYS A 178 -1.95 -8.80 -28.74
N LEU A 179 -2.24 -8.54 -30.02
CA LEU A 179 -3.47 -7.83 -30.36
C LEU A 179 -4.69 -8.68 -30.07
N THR A 180 -4.53 -10.00 -30.12
CA THR A 180 -5.66 -10.88 -29.93
C THR A 180 -5.95 -11.11 -28.46
N VAL A 181 -4.94 -11.01 -27.60
CA VAL A 181 -5.23 -11.22 -26.18
C VAL A 181 -5.74 -9.94 -25.54
N MET A 182 -5.40 -8.79 -26.10
CA MET A 182 -5.95 -7.54 -25.57
C MET A 182 -7.42 -7.41 -25.92
N SER A 183 -7.83 -7.91 -27.07
CA SER A 183 -9.24 -7.85 -27.41
C SER A 183 -10.05 -8.87 -26.62
N ILE A 184 -9.43 -9.95 -26.15
CA ILE A 184 -10.14 -10.85 -25.24
C ILE A 184 -10.09 -10.29 -23.83
N ASP A 185 -9.06 -9.49 -23.53
CA ASP A 185 -9.03 -8.79 -22.26
C ASP A 185 -10.12 -7.73 -22.17
N ARG A 186 -10.29 -6.93 -23.23
CA ARG A 186 -11.35 -5.95 -23.23
C ARG A 186 -12.71 -6.60 -23.41
N TYR A 187 -12.75 -7.84 -23.86
CA TYR A 187 -14.03 -8.53 -23.93
C TYR A 187 -14.47 -8.95 -22.55
N LEU A 188 -13.55 -9.50 -21.76
CA LEU A 188 -13.92 -9.98 -20.44
C LEU A 188 -14.08 -8.82 -19.47
N ALA A 189 -13.45 -7.68 -19.77
CA ALA A 189 -13.57 -6.52 -18.90
C ALA A 189 -14.91 -5.84 -19.05
N VAL A 190 -15.57 -6.00 -20.19
CA VAL A 190 -16.75 -5.19 -20.47
C VAL A 190 -17.99 -6.04 -20.64
N VAL A 191 -17.90 -7.18 -21.31
CA VAL A 191 -19.09 -7.97 -21.57
C VAL A 191 -19.43 -8.82 -20.36
N HIS A 192 -18.44 -9.33 -19.65
CA HIS A 192 -18.66 -10.06 -18.41
C HIS A 192 -17.97 -9.33 -17.27
N PRO A 193 -18.58 -8.25 -16.76
CA PRO A 193 -17.87 -7.42 -15.79
C PRO A 193 -17.82 -8.02 -14.39
N ILE A 194 -18.66 -9.00 -14.08
CA ILE A 194 -18.62 -9.56 -12.73
C ILE A 194 -17.84 -10.87 -12.68
N LYS A 195 -17.92 -11.72 -13.71
CA LYS A 195 -17.28 -13.02 -13.68
C LYS A 195 -15.86 -12.98 -14.20
N SER A 196 -15.27 -11.78 -14.30
CA SER A 196 -13.98 -11.62 -14.93
C SER A 196 -12.81 -11.84 -13.99
N ALA A 197 -12.79 -11.16 -12.84
CA ALA A 197 -11.60 -11.10 -11.99
C ALA A 197 -11.29 -12.42 -11.29
N LYS A 198 -12.18 -13.41 -11.37
CA LYS A 198 -11.79 -14.76 -10.98
C LYS A 198 -10.82 -15.36 -11.99
N TRP A 199 -10.91 -14.92 -13.25
CA TRP A 199 -9.92 -15.25 -14.27
C TRP A 199 -8.98 -14.10 -14.58
N ARG A 200 -9.45 -12.86 -14.45
CA ARG A 200 -8.67 -11.69 -14.84
C ARG A 200 -7.75 -11.21 -13.72
N ARG A 201 -6.87 -12.08 -13.23
CA ARG A 201 -6.08 -11.49 -12.14
C ARG A 201 -4.65 -11.28 -12.59
N PRO A 202 -3.97 -10.23 -12.07
CA PRO A 202 -2.61 -9.89 -12.55
C PRO A 202 -1.51 -10.89 -12.24
N ARG A 203 -1.84 -12.03 -11.65
CA ARG A 203 -0.87 -13.10 -11.56
C ARG A 203 -0.92 -13.92 -12.85
N THR A 204 -2.11 -14.31 -13.30
CA THR A 204 -2.21 -15.15 -14.49
C THR A 204 -2.21 -14.35 -15.78
N ALA A 205 -2.30 -13.03 -15.71
CA ALA A 205 -2.05 -12.22 -16.90
C ALA A 205 -0.55 -12.01 -17.11
N LYS A 206 0.26 -12.39 -16.13
CA LYS A 206 1.68 -12.56 -16.39
C LYS A 206 1.99 -13.98 -16.81
N MET A 207 0.99 -14.86 -16.81
CA MET A 207 1.15 -16.21 -17.32
C MET A 207 0.55 -16.36 -18.71
N ILE A 208 -0.32 -15.42 -19.10
CA ILE A 208 -0.79 -15.36 -20.49
C ILE A 208 0.22 -14.61 -21.34
N THR A 209 0.89 -13.62 -20.74
CA THR A 209 2.02 -12.95 -21.36
C THR A 209 3.12 -13.91 -21.76
N MET A 210 3.52 -14.81 -20.87
CA MET A 210 4.65 -15.68 -21.19
C MET A 210 4.22 -16.81 -22.12
N ALA A 211 2.95 -17.21 -22.04
CA ALA A 211 2.48 -18.35 -22.83
C ALA A 211 2.27 -17.97 -24.28
N VAL A 212 2.17 -16.67 -24.58
CA VAL A 212 1.85 -16.27 -25.94
C VAL A 212 3.12 -16.25 -26.79
N TRP A 213 4.28 -16.17 -26.15
CA TRP A 213 5.53 -16.34 -26.88
C TRP A 213 5.79 -17.81 -27.16
N GLY A 214 5.25 -18.68 -26.31
CA GLY A 214 5.45 -20.11 -26.50
C GLY A 214 4.71 -20.65 -27.70
N VAL A 215 3.52 -20.10 -27.97
CA VAL A 215 2.80 -20.50 -29.17
C VAL A 215 3.47 -19.88 -30.40
N SER A 216 4.21 -18.80 -30.20
CA SER A 216 4.80 -18.09 -31.31
C SER A 216 6.02 -18.83 -31.85
N LEU A 217 6.68 -19.63 -31.01
CA LEU A 217 7.83 -20.41 -31.46
C LEU A 217 7.38 -21.67 -32.17
N LEU A 218 6.19 -22.17 -31.84
CA LEU A 218 5.70 -23.43 -32.40
C LEU A 218 5.08 -23.23 -33.78
N VAL A 219 5.02 -21.97 -34.24
CA VAL A 219 4.40 -21.71 -35.53
C VAL A 219 5.42 -21.15 -36.52
N ILE A 220 6.64 -20.87 -36.07
CA ILE A 220 7.65 -20.31 -36.96
C ILE A 220 8.82 -21.25 -37.21
N LEU A 221 8.84 -22.43 -36.58
CA LEU A 221 9.94 -23.36 -36.83
C LEU A 221 10.05 -23.87 -38.27
N PRO A 222 9.01 -23.84 -39.13
CA PRO A 222 9.28 -23.90 -40.57
C PRO A 222 10.07 -22.72 -41.14
N ILE A 223 10.28 -21.63 -40.40
CA ILE A 223 11.25 -20.64 -40.85
C ILE A 223 12.61 -20.88 -40.20
N MET A 224 12.62 -21.37 -38.96
CA MET A 224 13.88 -21.57 -38.24
C MET A 224 14.67 -22.73 -38.84
N ILE A 225 13.99 -23.68 -39.47
CA ILE A 225 14.67 -24.80 -40.11
C ILE A 225 15.17 -24.39 -41.50
N TYR A 226 14.28 -23.92 -42.35
CA TYR A 226 14.60 -23.69 -43.75
C TYR A 226 15.08 -22.26 -44.03
N ALA A 227 15.71 -21.59 -43.06
CA ALA A 227 16.24 -20.24 -43.27
C ALA A 227 17.48 -20.31 -44.15
N GLY A 228 17.25 -20.42 -45.46
CA GLY A 228 18.29 -20.73 -46.40
C GLY A 228 18.64 -19.60 -47.35
N LEU A 229 19.37 -19.97 -48.39
CA LEU A 229 19.91 -19.06 -49.38
C LEU A 229 19.37 -19.38 -50.77
N ARG A 230 19.10 -18.32 -51.54
CA ARG A 230 18.69 -18.49 -52.93
C ARG A 230 19.10 -17.26 -53.71
N SER A 231 19.50 -17.49 -54.96
CA SER A 231 20.12 -16.45 -55.77
C SER A 231 19.64 -16.47 -57.21
N ASN A 232 18.32 -16.51 -57.41
CA ASN A 232 17.78 -16.73 -58.75
C ASN A 232 17.87 -15.48 -59.63
N GLN A 233 17.18 -14.41 -59.25
CA GLN A 233 17.08 -13.24 -60.10
C GLN A 233 18.35 -12.41 -60.03
N TRP A 234 18.97 -12.21 -61.21
CA TRP A 234 20.22 -11.48 -61.49
C TRP A 234 21.34 -11.71 -60.47
N GLY A 235 21.57 -12.97 -60.11
CA GLY A 235 22.61 -13.29 -59.13
C GLY A 235 22.24 -12.75 -57.78
N ARG A 236 23.27 -12.30 -57.04
CA ARG A 236 23.13 -11.44 -55.87
C ARG A 236 22.28 -12.07 -54.77
N SER A 237 22.79 -13.13 -54.15
CA SER A 237 22.08 -13.99 -53.20
C SER A 237 21.42 -13.25 -52.05
N SER A 238 20.21 -13.66 -51.69
CA SER A 238 19.31 -12.93 -50.81
C SER A 238 18.96 -13.79 -49.60
N CYS A 239 17.99 -13.29 -48.81
CA CYS A 239 17.48 -14.01 -47.65
C CYS A 239 16.06 -14.48 -47.94
N THR A 240 15.79 -15.77 -47.70
CA THR A 240 14.48 -16.34 -47.94
C THR A 240 14.34 -17.64 -47.16
N ILE A 241 13.25 -18.35 -47.45
CA ILE A 241 13.04 -19.70 -46.97
C ILE A 241 13.29 -20.67 -48.11
N ASN A 242 14.22 -21.61 -47.91
CA ASN A 242 14.57 -22.55 -48.97
C ASN A 242 13.60 -23.71 -49.02
N TRP A 243 13.01 -23.94 -50.19
CA TRP A 243 11.96 -24.93 -50.35
C TRP A 243 12.55 -26.34 -50.25
N PRO A 244 11.79 -27.29 -49.66
CA PRO A 244 12.28 -28.67 -49.51
C PRO A 244 12.30 -29.43 -50.84
N TRP A 250 5.40 -28.99 -49.70
CA TRP A 250 5.38 -28.05 -48.60
C TRP A 250 5.94 -26.69 -49.02
N TYR A 251 5.53 -26.24 -50.21
CA TYR A 251 5.96 -24.92 -50.69
C TYR A 251 4.78 -23.95 -50.69
N THR A 252 3.63 -24.39 -51.20
CA THR A 252 2.44 -23.54 -51.20
C THR A 252 1.86 -23.42 -49.80
N GLY A 253 2.11 -24.41 -48.95
CA GLY A 253 1.41 -24.51 -47.68
C GLY A 253 1.92 -23.56 -46.62
N PHE A 254 2.98 -22.81 -46.92
CA PHE A 254 3.55 -21.91 -45.92
C PHE A 254 2.71 -20.64 -45.78
N ILE A 255 2.27 -20.07 -46.90
CA ILE A 255 1.53 -18.81 -46.84
C ILE A 255 0.14 -19.04 -46.26
N ILE A 256 -0.50 -20.16 -46.61
CA ILE A 256 -1.82 -20.44 -46.06
C ILE A 256 -1.72 -20.88 -44.61
N TYR A 257 -0.55 -21.37 -44.19
CA TYR A 257 -0.32 -21.55 -42.77
C TYR A 257 -0.18 -20.23 -42.05
N THR A 258 0.49 -19.26 -42.65
CA THR A 258 0.54 -17.93 -42.05
C THR A 258 -0.71 -17.12 -42.35
N PHE A 259 -1.57 -17.58 -43.26
CA PHE A 259 -2.83 -16.89 -43.46
C PHE A 259 -3.84 -17.24 -42.38
N ILE A 260 -3.81 -18.46 -41.88
CA ILE A 260 -4.72 -18.84 -40.81
C ILE A 260 -4.32 -18.17 -39.50
N LEU A 261 -3.13 -18.51 -39.01
CA LEU A 261 -2.71 -18.07 -37.69
C LEU A 261 -2.16 -16.65 -37.69
N GLY A 262 -2.00 -16.04 -38.86
CA GLY A 262 -1.43 -14.71 -38.89
C GLY A 262 -2.45 -13.65 -39.23
N PHE A 263 -3.38 -13.95 -40.13
CA PHE A 263 -4.36 -12.95 -40.50
C PHE A 263 -5.78 -13.29 -40.14
N LEU A 264 -6.25 -14.50 -40.44
CA LEU A 264 -7.68 -14.72 -40.32
C LEU A 264 -8.11 -14.94 -38.88
N VAL A 265 -7.33 -15.72 -38.12
CA VAL A 265 -7.71 -16.01 -36.74
C VAL A 265 -7.48 -14.79 -35.83
N PRO A 266 -6.39 -14.01 -35.92
CA PRO A 266 -6.39 -12.74 -35.17
C PRO A 266 -7.41 -11.71 -35.61
N LEU A 267 -7.99 -11.83 -36.80
CA LEU A 267 -9.06 -10.90 -37.15
C LEU A 267 -10.42 -11.43 -36.75
N THR A 268 -10.63 -12.75 -36.79
CA THR A 268 -11.95 -13.27 -36.44
C THR A 268 -12.16 -13.32 -34.93
N ILE A 269 -11.11 -13.06 -34.14
CA ILE A 269 -11.28 -12.99 -32.70
C ILE A 269 -11.40 -11.54 -32.26
N ILE A 270 -10.67 -10.64 -32.91
CA ILE A 270 -10.83 -9.22 -32.62
C ILE A 270 -12.22 -8.73 -33.03
N CYS A 271 -12.65 -9.04 -34.25
CA CYS A 271 -13.94 -8.60 -34.75
C CYS A 271 -15.14 -9.24 -34.06
N LEU A 272 -14.95 -10.30 -33.28
CA LEU A 272 -16.03 -10.77 -32.45
C LEU A 272 -16.00 -10.05 -31.11
N CYS A 273 -14.82 -9.95 -30.52
CA CYS A 273 -14.70 -9.45 -29.16
C CYS A 273 -14.84 -7.92 -29.13
N TYR A 274 -14.71 -7.28 -30.28
CA TYR A 274 -15.02 -5.86 -30.38
C TYR A 274 -16.43 -5.61 -30.90
N LEU A 275 -17.12 -6.66 -31.35
CA LEU A 275 -18.52 -6.47 -31.72
C LEU A 275 -19.44 -6.70 -30.53
N PHE A 276 -19.10 -7.68 -29.68
CA PHE A 276 -19.90 -7.95 -28.50
C PHE A 276 -19.79 -6.85 -27.46
N ILE A 277 -18.76 -6.01 -27.53
CA ILE A 277 -18.71 -4.81 -26.72
C ILE A 277 -19.82 -3.84 -27.11
N ILE A 278 -20.03 -3.66 -28.42
CA ILE A 278 -20.92 -2.62 -28.90
C ILE A 278 -22.38 -2.98 -28.65
N ILE A 279 -22.68 -4.27 -28.49
CA ILE A 279 -24.03 -4.61 -28.08
C ILE A 279 -24.24 -4.46 -26.58
N LYS A 280 -23.24 -4.80 -25.76
CA LYS A 280 -23.44 -4.72 -24.31
C LYS A 280 -23.15 -3.34 -23.74
N VAL A 281 -22.75 -2.38 -24.57
CA VAL A 281 -22.77 -0.99 -24.10
C VAL A 281 -24.15 -0.39 -24.33
N LYS A 282 -24.88 -0.89 -25.32
CA LYS A 282 -26.26 -0.44 -25.54
C LYS A 282 -27.24 -1.26 -24.71
N SER A 283 -26.89 -2.52 -24.44
CA SER A 283 -27.79 -3.37 -23.66
C SER A 283 -27.74 -3.04 -22.17
N SER A 284 -26.79 -2.23 -21.74
CA SER A 284 -26.76 -1.81 -20.34
C SER A 284 -27.24 -0.37 -20.20
N GLY A 285 -26.55 0.56 -20.87
CA GLY A 285 -26.80 1.97 -20.66
C GLY A 285 -28.07 2.47 -21.31
N ILE A 286 -28.68 1.66 -22.18
CA ILE A 286 -29.89 2.08 -22.86
C ILE A 286 -31.05 1.11 -22.65
N ARG A 287 -30.83 0.01 -21.92
CA ARG A 287 -31.89 -0.97 -21.75
C ARG A 287 -32.33 -1.16 -20.31
N VAL A 288 -31.41 -1.54 -19.40
CA VAL A 288 -31.85 -1.97 -18.08
C VAL A 288 -31.53 -0.92 -17.02
N GLY A 289 -30.25 -0.70 -16.75
CA GLY A 289 -29.87 0.38 -15.86
C GLY A 289 -29.43 1.54 -16.73
N SER A 290 -30.34 2.48 -16.97
CA SER A 290 -30.23 3.31 -18.15
C SER A 290 -30.45 4.77 -17.80
N SER A 291 -30.08 5.63 -18.76
CA SER A 291 -30.20 7.07 -18.64
C SER A 291 -30.22 7.64 -20.06
N LYS A 292 -30.09 8.96 -20.18
CA LYS A 292 -30.12 9.61 -21.48
C LYS A 292 -28.74 9.58 -22.13
N ARG A 293 -27.73 9.14 -21.38
CA ARG A 293 -26.33 9.17 -21.80
C ARG A 293 -25.96 8.13 -22.85
N LYS A 294 -26.94 7.47 -23.48
CA LYS A 294 -26.73 6.39 -24.44
C LYS A 294 -26.22 6.85 -25.80
N LYS A 295 -25.74 8.09 -25.90
CA LYS A 295 -24.92 8.57 -27.01
C LYS A 295 -23.68 7.74 -27.23
N SER A 296 -23.14 7.13 -26.17
CA SER A 296 -21.80 6.53 -26.19
C SER A 296 -21.72 5.32 -27.11
N GLU A 297 -22.85 4.63 -27.31
CA GLU A 297 -22.87 3.46 -28.19
C GLU A 297 -22.93 3.84 -29.67
N LYS A 298 -22.87 5.14 -29.97
CA LYS A 298 -22.95 5.63 -31.33
C LYS A 298 -21.77 6.53 -31.68
N LYS A 299 -21.04 7.02 -30.68
CA LYS A 299 -19.99 8.00 -30.94
C LYS A 299 -18.58 7.43 -30.85
N VAL A 300 -18.25 6.78 -29.73
CA VAL A 300 -16.92 6.18 -29.59
C VAL A 300 -16.90 4.72 -30.02
N THR A 301 -17.90 4.27 -30.77
CA THR A 301 -17.78 3.05 -31.56
C THR A 301 -17.08 3.30 -32.89
N ARG A 302 -16.73 4.55 -33.17
CA ARG A 302 -15.79 4.79 -34.24
C ARG A 302 -14.42 4.21 -33.89
N MET A 303 -13.98 4.42 -32.64
CA MET A 303 -12.67 3.96 -32.16
C MET A 303 -12.56 2.44 -32.10
N VAL A 304 -13.67 1.72 -32.11
CA VAL A 304 -13.61 0.28 -32.06
C VAL A 304 -13.51 -0.28 -33.48
N SER A 305 -13.93 0.50 -34.47
CA SER A 305 -13.85 0.11 -35.86
C SER A 305 -12.66 0.72 -36.56
N ILE A 306 -11.97 1.67 -35.90
CA ILE A 306 -10.71 2.16 -36.41
C ILE A 306 -9.67 1.05 -36.40
N VAL A 307 -9.68 0.21 -35.37
CA VAL A 307 -8.61 -0.76 -35.15
C VAL A 307 -8.58 -1.86 -36.20
N VAL A 308 -9.72 -2.25 -36.78
CA VAL A 308 -9.70 -3.27 -37.81
C VAL A 308 -9.44 -2.62 -39.16
N ALA A 309 -9.83 -1.36 -39.33
CA ALA A 309 -9.50 -0.62 -40.54
C ALA A 309 -8.00 -0.41 -40.64
N VAL A 310 -7.30 -0.32 -39.51
CA VAL A 310 -5.84 -0.28 -39.55
C VAL A 310 -5.29 -1.69 -39.74
N PHE A 311 -5.90 -2.66 -39.06
CA PHE A 311 -5.41 -4.03 -39.07
C PHE A 311 -5.62 -4.72 -40.41
N ILE A 312 -6.50 -4.19 -41.25
CA ILE A 312 -6.70 -4.77 -42.56
C ILE A 312 -6.14 -3.89 -43.68
N PHE A 313 -5.87 -2.61 -43.42
CA PHE A 313 -5.16 -1.82 -44.42
C PHE A 313 -3.66 -2.09 -44.36
N CYS A 314 -3.20 -2.70 -43.28
CA CYS A 314 -1.78 -2.95 -43.12
C CYS A 314 -1.39 -4.39 -43.42
N TRP A 315 -2.29 -5.36 -43.23
CA TRP A 315 -1.90 -6.75 -43.31
C TRP A 315 -2.60 -7.54 -44.40
N LEU A 316 -3.66 -7.00 -45.01
CA LEU A 316 -4.35 -7.75 -46.06
C LEU A 316 -3.62 -7.86 -47.40
N PRO A 317 -3.07 -6.78 -48.04
CA PRO A 317 -2.60 -6.95 -49.43
C PRO A 317 -1.34 -7.78 -49.52
N PHE A 318 -0.54 -7.76 -48.47
CA PHE A 318 0.64 -8.61 -48.35
C PHE A 318 0.27 -10.08 -48.35
N TYR A 319 -0.88 -10.44 -47.78
CA TYR A 319 -1.33 -11.82 -47.86
C TYR A 319 -2.00 -12.13 -49.19
N ILE A 320 -2.48 -11.11 -49.90
CA ILE A 320 -3.00 -11.30 -51.25
C ILE A 320 -1.86 -11.42 -52.26
N PHE A 321 -0.77 -10.69 -52.07
CA PHE A 321 0.32 -10.70 -53.03
C PHE A 321 1.13 -11.99 -52.98
N ASN A 322 1.00 -12.78 -51.92
CA ASN A 322 1.66 -14.09 -51.92
C ASN A 322 0.74 -15.18 -52.46
N VAL A 323 -0.57 -15.09 -52.20
CA VAL A 323 -1.44 -16.12 -52.76
C VAL A 323 -1.65 -15.89 -54.24
N SER A 324 -1.47 -14.66 -54.70
CA SER A 324 -1.39 -14.43 -56.14
C SER A 324 -0.06 -14.93 -56.69
N SER A 325 0.99 -14.89 -55.87
CA SER A 325 2.30 -15.36 -56.29
C SER A 325 2.35 -16.87 -56.47
N VAL A 326 1.60 -17.61 -55.66
CA VAL A 326 1.78 -19.06 -55.62
C VAL A 326 1.01 -19.79 -56.72
N SER A 327 -0.30 -19.54 -56.86
CA SER A 327 -1.09 -20.28 -57.83
C SER A 327 -0.81 -19.83 -59.26
N MET A 328 -0.97 -18.53 -59.51
CA MET A 328 -0.83 -17.99 -60.85
C MET A 328 0.53 -17.33 -60.98
N ALA A 329 1.48 -18.03 -61.60
CA ALA A 329 2.83 -17.50 -61.78
C ALA A 329 2.83 -16.37 -62.80
N ILE A 330 3.62 -15.33 -62.51
CA ILE A 330 3.71 -14.17 -63.39
C ILE A 330 5.19 -13.91 -63.68
N SER A 331 5.42 -13.06 -64.66
CA SER A 331 6.77 -12.71 -65.04
C SER A 331 7.35 -11.72 -64.05
N PRO A 332 8.65 -11.80 -63.74
CA PRO A 332 9.28 -10.78 -62.88
C PRO A 332 9.26 -9.40 -63.50
N THR A 333 8.92 -8.42 -62.69
CA THR A 333 8.75 -7.05 -63.16
C THR A 333 9.53 -6.14 -62.22
N PRO A 334 10.23 -5.12 -62.74
CA PRO A 334 10.85 -4.11 -61.86
C PRO A 334 9.82 -3.34 -61.04
N ALA A 335 8.63 -3.13 -61.60
CA ALA A 335 7.54 -2.57 -60.83
C ALA A 335 7.02 -3.53 -59.77
N LEU A 336 6.93 -4.83 -60.07
CA LEU A 336 6.53 -5.80 -59.05
C LEU A 336 7.63 -6.01 -58.02
N LYS A 337 8.89 -5.80 -58.42
CA LYS A 337 9.96 -5.74 -57.43
C LYS A 337 9.85 -4.48 -56.58
N GLY A 338 9.20 -3.45 -57.11
CA GLY A 338 8.89 -2.28 -56.31
C GLY A 338 7.51 -2.31 -55.66
N MET A 339 6.59 -3.13 -56.20
CA MET A 339 5.26 -3.24 -55.60
C MET A 339 5.26 -4.17 -54.40
N PHE A 340 5.76 -5.38 -54.58
CA PHE A 340 5.80 -6.36 -53.51
C PHE A 340 6.75 -5.99 -52.40
N ASP A 341 7.81 -5.23 -52.69
CA ASP A 341 8.68 -4.74 -51.64
C ASP A 341 8.17 -3.46 -51.01
N PHE A 342 7.05 -2.92 -51.49
CA PHE A 342 6.37 -1.82 -50.82
C PHE A 342 5.17 -2.28 -50.02
N VAL A 343 4.78 -3.55 -50.12
CA VAL A 343 3.72 -4.11 -49.29
C VAL A 343 4.27 -4.82 -48.07
N VAL A 344 5.58 -5.12 -48.03
CA VAL A 344 6.22 -5.56 -46.81
C VAL A 344 6.17 -4.47 -45.76
N VAL A 345 6.50 -3.23 -46.14
CA VAL A 345 6.58 -2.14 -45.18
C VAL A 345 5.18 -1.69 -44.75
N LEU A 346 4.16 -2.10 -45.50
CA LEU A 346 2.78 -1.86 -45.06
C LEU A 346 2.47 -2.64 -43.80
N THR A 347 2.99 -3.87 -43.71
CA THR A 347 2.81 -4.68 -42.52
C THR A 347 3.62 -4.17 -41.34
N TYR A 348 4.73 -3.48 -41.60
CA TYR A 348 5.52 -2.92 -40.52
C TYR A 348 4.95 -1.60 -40.04
N ALA A 349 3.87 -1.13 -40.66
CA ALA A 349 3.18 0.08 -40.23
C ALA A 349 2.11 -0.24 -39.20
N ASN A 350 1.64 -1.50 -39.17
CA ASN A 350 0.69 -1.97 -38.18
C ASN A 350 1.30 -1.86 -36.78
N SER A 351 2.59 -2.14 -36.68
CA SER A 351 3.30 -1.98 -35.42
C SER A 351 3.78 -0.56 -35.20
N CYS A 352 3.39 0.36 -36.09
CA CYS A 352 3.55 1.78 -35.86
C CYS A 352 2.25 2.44 -35.46
N ALA A 353 1.13 1.73 -35.58
CA ALA A 353 -0.16 2.22 -35.11
C ALA A 353 -0.54 1.68 -33.74
N ASN A 354 -0.24 0.42 -33.46
CA ASN A 354 -0.49 -0.23 -32.18
C ASN A 354 0.06 0.47 -30.93
N PRO A 355 1.14 1.28 -30.98
CA PRO A 355 1.40 2.16 -29.83
C PRO A 355 0.46 3.34 -29.75
N ILE A 356 0.15 3.95 -30.90
CA ILE A 356 -0.82 5.04 -30.93
C ILE A 356 -2.23 4.56 -30.62
N LEU A 357 -2.64 3.43 -31.20
CA LEU A 357 -4.03 3.03 -31.15
C LEU A 357 -4.40 2.47 -29.78
N TYR A 358 -3.41 2.02 -29.00
CA TYR A 358 -3.70 1.31 -27.77
C TYR A 358 -3.22 2.05 -26.54
N ALA A 359 -2.11 2.77 -26.65
CA ALA A 359 -1.54 3.45 -25.50
C ALA A 359 -1.72 4.96 -25.53
N PHE A 360 -2.58 5.48 -26.42
CA PHE A 360 -2.99 6.87 -26.29
C PHE A 360 -4.40 6.98 -25.74
N LEU A 361 -5.30 6.10 -26.19
CA LEU A 361 -6.71 6.24 -25.83
C LEU A 361 -7.02 5.63 -24.46
N SER A 362 -6.05 4.97 -23.83
CA SER A 362 -6.20 4.34 -22.53
C SER A 362 -6.43 5.38 -21.44
N ASP A 363 -6.87 4.92 -20.27
CA ASP A 363 -7.12 5.80 -19.14
C ASP A 363 -5.82 6.40 -18.63
N ASN A 364 -4.96 5.56 -18.07
CA ASN A 364 -3.74 6.00 -17.43
C ASN A 364 -2.76 6.65 -18.39
N PHE A 365 -2.59 6.09 -19.59
CA PHE A 365 -1.57 6.60 -20.50
C PHE A 365 -2.03 7.88 -21.18
N LYS A 366 -3.31 8.23 -21.07
CA LYS A 366 -3.72 9.56 -21.52
C LYS A 366 -3.21 10.62 -20.56
N LYS A 367 -3.06 10.26 -19.29
CA LYS A 367 -2.52 11.14 -18.26
C LYS A 367 -1.05 10.88 -17.97
N SER A 368 -0.60 9.62 -18.06
CA SER A 368 0.80 9.31 -17.77
C SER A 368 1.72 9.88 -18.83
N PHE A 369 1.27 9.90 -20.09
CA PHE A 369 2.03 10.61 -21.11
C PHE A 369 1.82 12.12 -20.99
N GLN A 370 0.69 12.54 -20.42
CA GLN A 370 0.49 13.96 -20.14
C GLN A 370 1.33 14.40 -18.94
N ASN A 371 1.51 13.50 -17.97
CA ASN A 371 2.38 13.80 -16.84
C ASN A 371 3.84 13.77 -17.25
N VAL A 372 4.21 12.82 -18.11
CA VAL A 372 5.59 12.65 -18.54
C VAL A 372 5.74 12.97 -20.02
N SER B 6 22.82 -13.38 5.44
CA SER B 6 23.04 -14.26 6.59
C SER B 6 22.29 -15.55 6.43
N ALA B 7 21.81 -16.10 7.53
CA ALA B 7 21.05 -17.34 7.54
C ALA B 7 19.77 -17.23 8.33
N GLU B 8 19.75 -16.33 9.30
CA GLU B 8 18.51 -15.98 9.96
C GLU B 8 17.81 -14.86 9.20
N ASP B 9 18.58 -14.03 8.50
CA ASP B 9 18.00 -13.04 7.62
C ASP B 9 17.35 -13.69 6.40
N LYS B 10 17.85 -14.83 5.96
CA LYS B 10 17.18 -15.53 4.88
C LYS B 10 15.86 -16.16 5.30
N ALA B 11 15.59 -16.23 6.60
CA ALA B 11 14.28 -16.64 7.07
C ALA B 11 13.44 -15.43 7.48
N ALA B 12 14.05 -14.26 7.66
CA ALA B 12 13.27 -13.05 7.69
C ALA B 12 12.68 -12.75 6.33
N VAL B 13 13.52 -12.77 5.28
CA VAL B 13 13.08 -12.56 3.90
C VAL B 13 12.09 -13.60 3.44
N GLU B 14 12.23 -14.85 3.86
CA GLU B 14 11.22 -15.86 3.64
C GLU B 14 9.89 -15.52 4.29
N ARG B 15 9.92 -14.93 5.49
CA ARG B 15 8.69 -14.58 6.20
C ARG B 15 8.05 -13.35 5.60
N SER B 16 8.87 -12.46 5.08
CA SER B 16 8.36 -11.22 4.51
C SER B 16 7.65 -11.38 3.18
N LYS B 17 8.09 -12.30 2.35
CA LYS B 17 7.32 -12.60 1.15
C LYS B 17 6.27 -13.65 1.40
N MET B 18 6.11 -14.10 2.64
CA MET B 18 4.88 -14.73 3.05
C MET B 18 3.85 -13.69 3.43
N ILE B 19 4.33 -12.54 3.92
CA ILE B 19 3.43 -11.41 4.17
C ILE B 19 2.95 -10.82 2.87
N ASP B 20 3.87 -10.53 1.94
CA ASP B 20 3.59 -9.97 0.62
C ASP B 20 2.62 -10.78 -0.22
N ARG B 21 2.65 -12.09 -0.14
CA ARG B 21 1.67 -12.84 -0.90
C ARG B 21 0.37 -12.99 -0.15
N ASN B 22 0.29 -12.43 1.05
CA ASN B 22 -0.97 -12.33 1.75
C ASN B 22 -1.58 -10.95 1.71
N LEU B 23 -0.80 -9.91 1.48
CA LEU B 23 -1.36 -8.61 1.16
C LEU B 23 -2.00 -8.70 -0.22
N ARG B 24 -1.28 -9.27 -1.18
CA ARG B 24 -1.73 -9.37 -2.55
C ARG B 24 -2.56 -10.65 -2.71
N GLU B 25 -3.48 -10.88 -1.78
CA GLU B 25 -4.55 -11.86 -1.93
C GLU B 25 -5.75 -11.28 -1.23
N ASP B 26 -5.53 -10.15 -0.54
CA ASP B 26 -6.51 -9.36 0.15
C ASP B 26 -6.26 -7.94 -0.32
N GLY B 27 -6.82 -7.62 -1.47
CA GLY B 27 -6.40 -6.45 -2.21
C GLY B 27 -6.56 -6.80 -3.66
N GLU B 28 -6.74 -8.08 -3.91
CA GLU B 28 -7.39 -8.57 -5.11
C GLU B 28 -8.76 -9.14 -4.80
N LYS B 29 -9.06 -9.44 -3.56
CA LYS B 29 -10.39 -9.76 -3.09
C LYS B 29 -11.00 -8.55 -2.40
N ALA B 30 -10.52 -7.37 -2.75
CA ALA B 30 -11.03 -6.13 -2.20
C ALA B 30 -11.13 -5.07 -3.28
N ALA B 31 -10.79 -5.45 -4.50
CA ALA B 31 -11.09 -4.63 -5.66
C ALA B 31 -12.20 -5.31 -6.43
N ARG B 32 -12.78 -6.35 -5.83
CA ARG B 32 -13.85 -7.12 -6.41
C ARG B 32 -15.14 -6.82 -5.68
N GLU B 33 -15.13 -5.84 -4.80
CA GLU B 33 -16.31 -5.51 -4.04
C GLU B 33 -16.70 -4.06 -4.30
N VAL B 34 -18.01 -3.83 -4.29
CA VAL B 34 -18.56 -2.52 -4.61
C VAL B 34 -18.70 -1.73 -3.34
N LYS B 35 -18.15 -0.52 -3.33
CA LYS B 35 -18.22 0.37 -2.19
C LYS B 35 -19.15 1.51 -2.56
N LEU B 36 -20.14 1.76 -1.71
CA LEU B 36 -21.12 2.81 -2.01
C LEU B 36 -21.28 3.69 -0.78
N LEU B 37 -20.86 4.93 -0.88
CA LEU B 37 -21.17 5.91 0.14
C LEU B 37 -22.64 6.24 0.15
N LEU B 38 -23.28 6.04 1.28
CA LEU B 38 -24.71 6.32 1.42
C LEU B 38 -24.83 7.67 2.11
N LEU B 39 -25.48 8.62 1.46
CA LEU B 39 -25.61 9.96 2.00
C LEU B 39 -27.09 10.33 2.11
N GLY B 40 -27.35 11.56 2.51
CA GLY B 40 -28.71 11.99 2.78
C GLY B 40 -28.69 13.22 3.65
N ALA B 41 -29.84 13.92 3.64
CA ALA B 41 -29.92 15.22 4.28
C ALA B 41 -30.58 15.19 5.65
N GLY B 42 -30.70 14.03 6.29
CA GLY B 42 -31.26 13.99 7.62
C GLY B 42 -32.34 12.92 7.72
N GLU B 43 -33.56 13.35 8.00
CA GLU B 43 -34.70 12.47 7.85
C GLU B 43 -34.93 12.25 6.36
N SER B 44 -34.32 11.21 5.81
CA SER B 44 -34.22 11.06 4.37
C SER B 44 -34.59 9.64 3.94
N GLY B 45 -35.00 8.81 4.90
CA GLY B 45 -35.33 7.45 4.59
C GLY B 45 -34.12 6.58 4.31
N LYS B 46 -32.97 6.95 4.89
CA LYS B 46 -31.78 6.13 4.73
C LYS B 46 -31.90 4.82 5.48
N ASN B 47 -32.67 4.82 6.58
CA ASN B 47 -32.94 3.59 7.31
C ASN B 47 -33.86 2.67 6.52
N THR B 48 -34.69 3.25 5.65
CA THR B 48 -35.60 2.46 4.83
C THR B 48 -34.82 1.65 3.81
N ILE B 49 -33.78 2.23 3.23
CA ILE B 49 -33.02 1.56 2.17
C ILE B 49 -32.14 0.46 2.73
N VAL B 50 -31.50 0.68 3.88
CA VAL B 50 -30.64 -0.33 4.46
C VAL B 50 -31.48 -1.47 5.03
N LYS B 51 -32.76 -1.21 5.30
CA LYS B 51 -33.67 -2.28 5.70
C LYS B 51 -33.92 -3.24 4.55
N GLN B 52 -33.87 -2.76 3.31
CA GLN B 52 -34.02 -3.64 2.15
C GLN B 52 -32.81 -4.54 1.99
N MET B 53 -31.62 -3.95 2.12
CA MET B 53 -30.37 -4.61 1.75
C MET B 53 -29.67 -5.14 2.99
N LYS B 54 -30.00 -6.37 3.35
CA LYS B 54 -29.35 -7.07 4.46
C LYS B 54 -29.39 -8.57 4.26
N THR B 182 -20.40 3.91 16.16
CA THR B 182 -20.79 5.30 16.40
C THR B 182 -20.30 6.14 15.22
N GLY B 183 -19.40 5.58 14.44
CA GLY B 183 -18.86 6.30 13.31
C GLY B 183 -19.41 5.75 12.01
N ILE B 184 -18.56 5.12 11.21
CA ILE B 184 -19.05 4.36 10.07
C ILE B 184 -19.93 3.23 10.54
N VAL B 185 -21.09 3.11 9.94
CA VAL B 185 -21.85 1.88 10.07
C VAL B 185 -21.71 1.10 8.78
N GLU B 186 -20.67 0.30 8.66
CA GLU B 186 -20.40 -0.37 7.39
C GLU B 186 -21.32 -1.56 7.22
N THR B 187 -22.17 -1.49 6.21
CA THR B 187 -23.17 -2.51 5.94
C THR B 187 -22.76 -3.31 4.71
N HIS B 188 -22.80 -4.62 4.83
CA HIS B 188 -22.50 -5.49 3.70
C HIS B 188 -23.77 -6.24 3.32
N PHE B 189 -24.11 -6.22 2.03
CA PHE B 189 -25.38 -6.82 1.63
C PHE B 189 -25.30 -7.66 0.37
N THR B 190 -24.13 -8.25 0.11
CA THR B 190 -23.85 -9.05 -1.09
C THR B 190 -24.89 -10.09 -1.47
N PHE B 191 -25.54 -9.89 -2.63
CA PHE B 191 -26.69 -10.70 -2.96
C PHE B 191 -26.60 -11.40 -4.32
N LYS B 192 -26.01 -10.76 -5.34
CA LYS B 192 -25.96 -11.43 -6.64
C LYS B 192 -24.54 -11.48 -7.18
N ASP B 193 -23.76 -12.43 -6.68
CA ASP B 193 -22.38 -12.74 -7.14
C ASP B 193 -21.45 -11.53 -7.05
N LEU B 194 -21.78 -10.57 -6.19
CA LEU B 194 -21.14 -9.27 -6.24
C LEU B 194 -21.17 -8.71 -4.81
N HIS B 195 -19.99 -8.54 -4.23
CA HIS B 195 -19.90 -8.10 -2.84
C HIS B 195 -20.10 -6.60 -2.74
N PHE B 196 -20.89 -6.18 -1.76
CA PHE B 196 -21.39 -4.81 -1.65
C PHE B 196 -21.00 -4.25 -0.30
N LYS B 197 -20.35 -3.11 -0.28
CA LYS B 197 -20.12 -2.43 0.99
C LYS B 197 -20.83 -1.08 0.95
N MET B 198 -21.61 -0.77 1.98
CA MET B 198 -22.30 0.51 2.03
C MET B 198 -21.97 1.20 3.34
N PHE B 199 -21.45 2.42 3.26
CA PHE B 199 -20.90 3.09 4.41
C PHE B 199 -21.78 4.23 4.85
N ASP B 200 -22.63 3.98 5.84
CA ASP B 200 -23.52 4.98 6.40
C ASP B 200 -22.70 5.95 7.26
N VAL B 201 -22.47 7.15 6.75
CA VAL B 201 -22.00 8.22 7.62
C VAL B 201 -23.16 9.06 8.13
N GLY B 202 -23.86 8.56 9.14
CA GLY B 202 -25.05 9.25 9.59
C GLY B 202 -24.86 9.99 10.88
N ALA B 203 -23.99 9.45 11.74
CA ALA B 203 -23.79 10.00 13.06
C ALA B 203 -22.63 10.97 13.15
N GLN B 204 -21.91 11.20 12.06
CA GLN B 204 -20.77 12.11 12.13
C GLN B 204 -21.24 13.55 12.17
N ARG B 205 -21.43 14.06 13.38
CA ARG B 205 -21.77 15.47 13.59
C ARG B 205 -20.46 16.24 13.61
N SER B 206 -19.89 16.44 12.43
CA SER B 206 -18.59 17.09 12.26
C SER B 206 -18.47 17.52 10.82
N GLU B 207 -17.37 18.20 10.52
CA GLU B 207 -17.16 18.79 9.20
C GLU B 207 -17.00 17.71 8.15
N ARG B 208 -17.80 17.77 7.09
CA ARG B 208 -17.68 16.75 6.05
C ARG B 208 -16.49 17.02 5.15
N LYS B 209 -15.94 18.23 5.19
CA LYS B 209 -14.78 18.54 4.36
C LYS B 209 -13.53 17.84 4.85
N LYS B 210 -13.60 17.20 6.02
CA LYS B 210 -12.40 16.68 6.65
C LYS B 210 -12.27 15.17 6.54
N TRP B 211 -13.34 14.46 6.19
CA TRP B 211 -13.25 13.02 6.02
C TRP B 211 -13.87 12.53 4.73
N ILE B 212 -14.18 13.42 3.78
CA ILE B 212 -14.85 13.00 2.56
C ILE B 212 -13.87 12.52 1.51
N HIS B 213 -12.58 12.83 1.66
CA HIS B 213 -11.57 12.28 0.77
C HIS B 213 -11.31 10.82 1.04
N CYS B 214 -11.81 10.29 2.15
CA CYS B 214 -11.66 8.87 2.45
C CYS B 214 -12.50 8.04 1.48
N PHE B 215 -13.47 8.66 0.84
CA PHE B 215 -14.37 7.96 -0.06
C PHE B 215 -14.14 8.34 -1.50
N GLU B 216 -12.92 8.76 -1.85
CA GLU B 216 -12.65 9.22 -3.21
C GLU B 216 -12.77 8.08 -4.21
N GLY B 217 -11.98 7.05 -4.03
CA GLY B 217 -12.23 5.88 -4.83
C GLY B 217 -13.41 5.18 -4.23
N VAL B 218 -14.54 5.26 -4.90
CA VAL B 218 -15.76 4.60 -4.47
C VAL B 218 -16.57 4.41 -5.73
N THR B 219 -17.48 3.44 -5.74
CA THR B 219 -18.14 3.18 -7.01
C THR B 219 -19.26 4.18 -7.22
N ALA B 220 -20.29 4.15 -6.39
CA ALA B 220 -21.41 5.06 -6.56
C ALA B 220 -21.65 5.79 -5.26
N ILE B 221 -22.66 6.65 -5.22
CA ILE B 221 -23.06 7.36 -4.01
C ILE B 221 -24.57 7.34 -3.96
N ILE B 222 -25.15 6.62 -3.01
CA ILE B 222 -26.59 6.45 -2.98
C ILE B 222 -27.20 7.59 -2.19
N PHE B 223 -27.65 8.63 -2.87
CA PHE B 223 -28.16 9.84 -2.24
C PHE B 223 -29.67 9.69 -2.08
N CYS B 224 -30.15 9.87 -0.86
CA CYS B 224 -31.57 9.74 -0.59
C CYS B 224 -32.20 11.10 -0.39
N VAL B 225 -33.40 11.29 -0.92
CA VAL B 225 -34.23 12.46 -0.65
C VAL B 225 -35.65 11.94 -0.47
N ALA B 226 -36.30 12.34 0.61
CA ALA B 226 -37.71 12.01 0.78
C ALA B 226 -38.56 13.01 0.02
N LEU B 227 -39.44 12.51 -0.85
CA LEU B 227 -40.26 13.38 -1.67
C LEU B 227 -41.42 14.00 -0.90
N SER B 228 -41.74 13.49 0.29
CA SER B 228 -42.82 14.04 1.08
C SER B 228 -42.34 15.12 2.03
N ASP B 229 -41.25 15.80 1.67
CA ASP B 229 -40.84 17.01 2.36
C ASP B 229 -40.65 18.10 1.31
N TYR B 230 -41.76 18.68 0.87
CA TYR B 230 -41.72 19.68 -0.20
C TYR B 230 -42.41 20.94 0.26
N ASP B 231 -43.23 20.82 1.31
CA ASP B 231 -43.82 21.97 1.99
C ASP B 231 -43.37 21.99 3.44
N LEU B 232 -42.44 21.09 3.78
CA LEU B 232 -42.00 20.90 5.15
C LEU B 232 -40.75 21.72 5.46
N VAL B 233 -40.92 22.91 6.03
CA VAL B 233 -39.81 23.79 6.36
C VAL B 233 -39.01 23.24 7.54
N LEU B 234 -37.79 23.74 7.73
CA LEU B 234 -36.99 23.30 8.85
C LEU B 234 -37.19 24.25 10.02
N ALA B 235 -37.11 23.70 11.24
CA ALA B 235 -37.29 24.51 12.44
C ALA B 235 -35.98 25.09 12.92
N GLU B 236 -34.91 24.91 12.14
CA GLU B 236 -33.61 25.49 12.46
C GLU B 236 -33.64 27.01 12.41
N ASP B 237 -33.81 27.57 11.22
CA ASP B 237 -33.82 29.02 11.08
C ASP B 237 -34.92 29.49 10.13
N GLU B 238 -36.11 28.90 10.23
CA GLU B 238 -37.24 29.08 9.33
C GLU B 238 -36.80 28.86 7.88
N GLU B 239 -36.06 27.78 7.64
CA GLU B 239 -35.39 27.51 6.37
C GLU B 239 -36.44 27.08 5.34
N MET B 240 -36.02 26.94 4.09
CA MET B 240 -36.93 26.52 3.02
C MET B 240 -37.32 25.06 3.18
N ASN B 241 -38.29 24.60 2.40
CA ASN B 241 -39.01 23.39 2.74
C ASN B 241 -38.24 22.11 2.43
N ARG B 242 -37.02 21.99 2.98
CA ARG B 242 -36.21 20.78 3.08
C ARG B 242 -35.72 20.24 1.73
N MET B 243 -36.16 20.82 0.62
CA MET B 243 -35.66 20.43 -0.69
C MET B 243 -34.55 21.39 -1.04
N HIS B 244 -34.65 22.61 -0.52
CA HIS B 244 -33.51 23.51 -0.51
C HIS B 244 -32.57 23.22 0.64
N GLU B 245 -32.89 22.24 1.48
CA GLU B 245 -31.91 21.61 2.36
C GLU B 245 -31.41 20.29 1.79
N SER B 246 -31.95 19.87 0.64
CA SER B 246 -31.38 18.72 -0.06
C SER B 246 -30.65 19.16 -1.33
N MET B 247 -31.21 20.13 -2.06
CA MET B 247 -30.49 20.71 -3.19
C MET B 247 -29.27 21.48 -2.72
N LYS B 248 -29.33 22.01 -1.50
CA LYS B 248 -28.16 22.45 -0.77
C LYS B 248 -27.11 21.36 -0.68
N LEU B 249 -27.52 20.13 -0.37
CA LEU B 249 -26.59 19.05 -0.16
C LEU B 249 -26.11 18.44 -1.48
N PHE B 250 -27.05 18.12 -2.38
CA PHE B 250 -26.77 17.45 -3.63
C PHE B 250 -25.83 18.26 -4.52
N ASP B 251 -26.00 19.58 -4.52
CA ASP B 251 -25.10 20.42 -5.30
C ASP B 251 -23.71 20.45 -4.68
N SER B 252 -23.63 20.22 -3.37
CA SER B 252 -22.32 20.15 -2.73
C SER B 252 -21.68 18.80 -2.98
N ILE B 253 -22.48 17.73 -2.98
CA ILE B 253 -21.94 16.40 -3.20
C ILE B 253 -21.58 16.16 -4.66
N CYS B 254 -22.47 16.52 -5.60
CA CYS B 254 -22.25 16.20 -7.00
C CYS B 254 -21.11 17.02 -7.59
N ASN B 255 -20.91 18.25 -7.12
CA ASN B 255 -19.84 19.09 -7.62
C ASN B 255 -18.61 19.08 -6.73
N ASN B 256 -18.41 18.03 -5.95
CA ASN B 256 -17.25 17.91 -5.09
C ASN B 256 -16.12 17.28 -5.89
N LYS B 257 -14.89 17.74 -5.63
CA LYS B 257 -13.76 17.41 -6.49
C LYS B 257 -13.33 15.95 -6.39
N TRP B 258 -13.69 15.27 -5.31
CA TRP B 258 -13.45 13.85 -5.19
C TRP B 258 -14.50 13.04 -5.91
N PHE B 259 -15.60 13.68 -6.29
CA PHE B 259 -16.65 12.97 -6.97
C PHE B 259 -16.92 13.61 -8.33
N THR B 260 -15.86 14.00 -9.03
CA THR B 260 -16.03 14.49 -10.38
C THR B 260 -16.41 13.38 -11.33
N ASP B 261 -15.92 12.17 -11.11
CA ASP B 261 -16.27 11.03 -11.92
C ASP B 261 -16.97 9.94 -11.13
N THR B 262 -17.51 10.26 -9.96
CA THR B 262 -18.22 9.30 -9.14
C THR B 262 -19.72 9.43 -9.42
N SER B 263 -20.26 8.51 -10.18
CA SER B 263 -21.62 8.67 -10.63
C SER B 263 -22.60 8.39 -9.50
N ILE B 264 -23.55 9.29 -9.33
CA ILE B 264 -24.38 9.37 -8.13
C ILE B 264 -25.74 8.78 -8.40
N ILE B 265 -26.06 7.68 -7.75
CA ILE B 265 -27.42 7.15 -7.73
C ILE B 265 -28.26 8.13 -6.95
N LEU B 266 -29.46 8.44 -7.42
CA LEU B 266 -30.39 9.27 -6.68
C LEU B 266 -31.59 8.43 -6.31
N PHE B 267 -32.07 8.60 -5.10
CA PHE B 267 -33.29 7.97 -4.65
C PHE B 267 -34.27 9.05 -4.25
N LEU B 268 -35.50 8.89 -4.70
CA LEU B 268 -36.61 9.71 -4.24
C LEU B 268 -37.49 8.85 -3.36
N ASN B 269 -37.46 9.12 -2.05
CA ASN B 269 -37.80 8.11 -1.06
C ASN B 269 -39.31 7.96 -0.85
N LYS B 270 -40.01 9.05 -0.59
CA LYS B 270 -41.43 8.92 -0.26
C LYS B 270 -42.31 9.10 -1.49
N LYS B 271 -42.60 8.01 -2.18
CA LYS B 271 -43.38 8.07 -3.41
C LYS B 271 -44.87 8.10 -3.12
N ASP B 272 -45.38 7.09 -2.42
CA ASP B 272 -46.80 7.00 -2.11
C ASP B 272 -47.13 7.68 -0.77
N LEU B 273 -46.31 8.63 -0.36
CA LEU B 273 -46.63 9.42 0.82
C LEU B 273 -46.91 10.87 0.45
N PHE B 274 -46.38 11.32 -0.69
CA PHE B 274 -46.60 12.70 -1.10
C PHE B 274 -47.68 12.82 -2.16
N GLU B 275 -48.20 11.69 -2.65
CA GLU B 275 -49.44 11.70 -3.42
C GLU B 275 -50.61 12.21 -2.58
N GLU B 276 -50.56 11.93 -1.27
CA GLU B 276 -51.50 12.55 -0.35
C GLU B 276 -51.16 14.02 -0.13
N LYS B 277 -49.88 14.37 -0.23
CA LYS B 277 -49.47 15.74 0.06
C LYS B 277 -49.72 16.67 -1.13
N ILE B 278 -49.66 16.14 -2.35
CA ILE B 278 -49.78 16.97 -3.53
C ILE B 278 -51.23 17.43 -3.74
N LYS B 279 -52.20 16.69 -3.19
CA LYS B 279 -53.60 17.06 -3.30
C LYS B 279 -53.91 18.23 -2.37
N LYS B 280 -53.37 18.19 -1.16
CA LYS B 280 -53.60 19.23 -0.16
C LYS B 280 -52.93 20.55 -0.54
N SER B 281 -51.72 20.47 -1.09
CA SER B 281 -50.98 21.66 -1.48
C SER B 281 -50.08 21.30 -2.65
N PRO B 282 -49.94 22.18 -3.64
CA PRO B 282 -49.08 21.87 -4.78
C PRO B 282 -47.62 22.14 -4.49
N LEU B 283 -46.77 21.97 -5.51
CA LEU B 283 -45.35 22.28 -5.37
C LEU B 283 -45.12 23.69 -5.87
N THR B 284 -45.75 24.66 -5.21
CA THR B 284 -45.50 26.06 -5.51
C THR B 284 -44.89 26.72 -4.28
N ILE B 285 -45.10 26.10 -3.12
CA ILE B 285 -44.48 26.59 -1.88
C ILE B 285 -42.97 26.40 -1.96
N CYS B 286 -42.54 25.26 -2.50
CA CYS B 286 -41.11 24.97 -2.66
C CYS B 286 -40.51 25.84 -3.75
N TYR B 287 -41.01 25.67 -4.97
CA TYR B 287 -40.56 26.42 -6.12
C TYR B 287 -41.76 27.10 -6.76
N PRO B 288 -41.84 28.43 -6.74
CA PRO B 288 -43.00 29.11 -7.32
C PRO B 288 -42.87 29.34 -8.82
N GLU B 289 -41.83 28.77 -9.43
CA GLU B 289 -41.63 28.89 -10.86
C GLU B 289 -42.05 27.65 -11.63
N TYR B 290 -42.67 26.67 -10.96
CA TYR B 290 -43.12 25.46 -11.64
C TYR B 290 -44.29 25.76 -12.55
N ALA B 291 -44.54 24.84 -13.48
CA ALA B 291 -45.61 25.03 -14.45
C ALA B 291 -46.97 24.84 -13.79
N GLY B 292 -47.24 23.63 -13.31
CA GLY B 292 -48.52 23.36 -12.69
C GLY B 292 -48.88 21.89 -12.69
N SER B 293 -50.06 21.57 -13.23
CA SER B 293 -50.56 20.24 -13.62
C SER B 293 -50.91 19.33 -12.45
N ASN B 294 -50.53 19.71 -11.22
CA ASN B 294 -51.09 19.23 -9.94
C ASN B 294 -51.18 17.71 -9.81
N THR B 295 -50.26 17.00 -10.45
CA THR B 295 -50.39 15.55 -10.59
C THR B 295 -49.21 14.90 -9.89
N TYR B 296 -49.44 13.70 -9.34
CA TYR B 296 -48.41 12.86 -8.73
C TYR B 296 -47.27 12.57 -9.72
N GLU B 297 -47.62 12.29 -10.97
CA GLU B 297 -46.59 12.02 -11.97
C GLU B 297 -46.12 13.28 -12.67
N GLU B 298 -46.67 14.44 -12.33
CA GLU B 298 -46.09 15.69 -12.79
C GLU B 298 -44.78 15.98 -12.08
N ALA B 299 -44.71 15.65 -10.79
CA ALA B 299 -43.65 16.11 -9.91
C ALA B 299 -42.27 15.61 -10.30
N ALA B 300 -42.20 14.54 -11.09
CA ALA B 300 -40.95 14.16 -11.72
C ALA B 300 -40.44 15.27 -12.64
N ALA B 301 -41.33 15.87 -13.42
CA ALA B 301 -40.93 16.96 -14.30
C ALA B 301 -40.66 18.25 -13.53
N TYR B 302 -41.09 18.32 -12.26
CA TYR B 302 -40.70 19.45 -11.44
C TYR B 302 -39.44 19.14 -10.63
N ILE B 303 -39.50 18.13 -9.77
CA ILE B 303 -38.51 17.94 -8.73
C ILE B 303 -37.28 17.21 -9.24
N GLN B 304 -37.47 16.12 -9.97
CA GLN B 304 -36.37 15.24 -10.34
C GLN B 304 -35.42 15.92 -11.32
N CYS B 305 -35.95 16.67 -12.28
CA CYS B 305 -35.09 17.40 -13.18
C CYS B 305 -34.43 18.60 -12.49
N GLN B 306 -35.01 19.06 -11.38
CA GLN B 306 -34.40 20.19 -10.68
C GLN B 306 -33.15 19.77 -9.94
N PHE B 307 -33.06 18.50 -9.53
CA PHE B 307 -31.82 17.97 -8.96
C PHE B 307 -30.74 17.76 -10.02
N GLU B 308 -31.11 17.17 -11.16
CA GLU B 308 -30.13 16.86 -12.19
C GLU B 308 -29.74 18.09 -12.99
N ASP B 309 -30.42 19.21 -12.75
CA ASP B 309 -29.94 20.50 -13.25
C ASP B 309 -28.73 21.01 -12.47
N LEU B 310 -28.48 20.48 -11.26
CA LEU B 310 -27.33 20.89 -10.49
C LEU B 310 -26.08 20.09 -10.83
N ASN B 311 -26.22 19.07 -11.69
CA ASN B 311 -25.09 18.27 -12.14
C ASN B 311 -24.28 19.10 -13.13
N LYS B 312 -23.30 19.85 -12.60
CA LYS B 312 -22.49 20.74 -13.41
C LYS B 312 -21.59 19.96 -14.37
N ARG B 313 -20.73 19.10 -13.83
CA ARG B 313 -19.93 18.22 -14.67
C ARG B 313 -20.81 17.14 -15.26
N LYS B 314 -21.36 17.38 -16.45
CA LYS B 314 -22.24 16.42 -17.09
C LYS B 314 -21.51 15.46 -18.01
N ASP B 315 -20.22 15.66 -18.24
CA ASP B 315 -19.49 14.79 -19.15
C ASP B 315 -19.11 13.49 -18.49
N THR B 316 -18.77 13.54 -17.20
CA THR B 316 -18.05 12.47 -16.53
C THR B 316 -18.96 11.58 -15.68
N LYS B 317 -19.89 12.16 -14.93
CA LYS B 317 -20.79 11.36 -14.10
C LYS B 317 -22.19 11.36 -14.66
N GLU B 318 -22.91 10.28 -14.44
CA GLU B 318 -24.29 10.15 -14.90
C GLU B 318 -25.16 9.88 -13.68
N ILE B 319 -25.97 10.86 -13.30
CA ILE B 319 -26.92 10.72 -12.20
C ILE B 319 -27.99 9.72 -12.58
N TYR B 320 -28.04 8.60 -11.87
CA TYR B 320 -29.14 7.69 -12.02
C TYR B 320 -30.26 8.20 -11.12
N THR B 321 -31.49 7.74 -11.36
CA THR B 321 -32.62 8.23 -10.58
C THR B 321 -33.63 7.10 -10.44
N HIS B 322 -34.34 7.08 -9.32
CA HIS B 322 -35.30 6.05 -9.01
C HIS B 322 -36.36 6.64 -8.09
N PHE B 323 -37.43 5.88 -7.90
CA PHE B 323 -38.47 6.20 -6.94
C PHE B 323 -38.62 5.03 -5.99
N THR B 324 -38.28 5.25 -4.72
CA THR B 324 -38.06 4.17 -3.77
C THR B 324 -39.36 3.45 -3.43
N CYS B 325 -39.50 2.23 -3.93
CA CYS B 325 -40.70 1.44 -3.74
C CYS B 325 -40.43 0.37 -2.70
N SER B 326 -41.51 -0.18 -2.14
CA SER B 326 -41.44 -1.17 -1.08
C SER B 326 -41.28 -2.58 -1.61
N THR B 327 -41.11 -2.72 -2.93
CA THR B 327 -40.90 -4.01 -3.56
C THR B 327 -39.52 -4.55 -3.20
N ASP B 328 -39.36 -5.87 -3.32
CA ASP B 328 -38.12 -6.51 -2.87
C ASP B 328 -36.97 -6.20 -3.80
N THR B 329 -37.18 -6.30 -5.12
CA THR B 329 -36.08 -6.15 -6.06
C THR B 329 -35.84 -4.69 -6.42
N LYS B 330 -36.89 -3.99 -6.88
CA LYS B 330 -36.77 -2.78 -7.68
C LYS B 330 -36.18 -1.58 -6.96
N ASN B 331 -35.83 -1.70 -5.67
CA ASN B 331 -35.01 -0.68 -5.05
C ASN B 331 -33.60 -1.18 -4.80
N VAL B 332 -33.40 -2.50 -4.81
CA VAL B 332 -32.05 -3.02 -4.65
C VAL B 332 -31.53 -3.63 -5.96
N GLN B 333 -32.42 -4.07 -6.85
CA GLN B 333 -31.97 -4.48 -8.18
C GLN B 333 -31.55 -3.26 -8.99
N PHE B 334 -32.19 -2.12 -8.73
CA PHE B 334 -31.76 -0.90 -9.41
C PHE B 334 -30.38 -0.46 -9.00
N VAL B 335 -30.03 -0.58 -7.74
CA VAL B 335 -28.66 -0.26 -7.33
C VAL B 335 -27.69 -1.31 -7.88
N PHE B 336 -28.17 -2.53 -8.14
CA PHE B 336 -27.29 -3.52 -8.75
C PHE B 336 -27.03 -3.23 -10.21
N ASP B 337 -28.09 -3.03 -11.00
CA ASP B 337 -27.81 -2.88 -12.43
C ASP B 337 -27.36 -1.49 -12.80
N ALA B 338 -27.58 -0.48 -11.96
CA ALA B 338 -27.00 0.81 -12.22
C ALA B 338 -25.66 0.98 -11.55
N VAL B 339 -25.06 -0.10 -11.04
CA VAL B 339 -23.67 -0.07 -10.64
C VAL B 339 -22.83 -1.00 -11.49
N THR B 340 -23.47 -1.95 -12.17
CA THR B 340 -22.92 -2.55 -13.36
C THR B 340 -22.61 -1.52 -14.42
N ASP B 341 -23.50 -0.55 -14.62
CA ASP B 341 -23.28 0.47 -15.65
C ASP B 341 -22.26 1.50 -15.21
N VAL B 342 -21.90 1.53 -13.93
CA VAL B 342 -20.72 2.30 -13.54
C VAL B 342 -19.49 1.46 -13.76
N ILE B 343 -19.58 0.16 -13.49
CA ILE B 343 -18.45 -0.75 -13.64
C ILE B 343 -18.03 -0.87 -15.10
N ILE B 344 -19.01 -1.03 -16.00
CA ILE B 344 -18.72 -1.18 -17.42
C ILE B 344 -18.15 0.10 -18.00
N LYS B 345 -18.70 1.24 -17.62
CA LYS B 345 -18.13 2.49 -18.09
C LYS B 345 -16.83 2.85 -17.40
N ASN B 346 -16.48 2.14 -16.32
CA ASN B 346 -15.16 2.25 -15.74
C ASN B 346 -14.15 1.43 -16.51
N ASN B 347 -14.54 0.24 -16.97
CA ASN B 347 -13.63 -0.60 -17.73
C ASN B 347 -13.41 -0.04 -19.12
N LEU B 348 -14.49 0.41 -19.78
CA LEU B 348 -14.38 0.99 -21.12
C LEU B 348 -13.52 2.24 -21.13
N LYS B 349 -13.55 3.01 -20.06
CA LYS B 349 -12.64 4.14 -19.97
C LYS B 349 -11.23 3.67 -19.64
N ASP B 350 -11.10 2.51 -18.99
CA ASP B 350 -9.78 2.03 -18.59
C ASP B 350 -9.16 1.18 -19.69
N CYS B 351 -10.00 0.51 -20.48
CA CYS B 351 -9.54 -0.26 -21.61
C CYS B 351 -9.56 0.54 -22.91
N GLY B 352 -9.45 1.85 -22.83
CA GLY B 352 -9.18 2.68 -23.99
C GLY B 352 -10.38 3.19 -24.76
N LEU B 353 -11.49 2.44 -24.84
CA LEU B 353 -12.51 2.71 -25.86
C LEU B 353 -13.28 4.00 -25.57
N PHE B 354 -14.02 4.02 -24.47
CA PHE B 354 -14.86 5.17 -24.10
C PHE B 354 -14.00 6.36 -23.64
N SER C 13 -30.17 41.35 28.50
CA SER C 13 -30.16 40.90 29.88
C SER C 13 -28.78 40.39 30.30
N GLU C 14 -28.36 39.29 29.70
CA GLU C 14 -27.16 38.59 30.10
C GLU C 14 -26.30 38.14 28.91
N LEU C 15 -26.77 38.38 27.68
CA LEU C 15 -26.03 37.94 26.50
C LEU C 15 -24.82 38.83 26.24
N ASP C 16 -24.98 40.15 26.37
CA ASP C 16 -23.88 41.07 26.19
C ASP C 16 -23.22 41.39 27.52
N GLN C 17 -23.69 40.77 28.61
CA GLN C 17 -23.04 40.89 29.89
C GLN C 17 -21.62 40.32 29.87
N LEU C 18 -21.49 39.05 29.47
CA LEU C 18 -20.17 38.44 29.38
C LEU C 18 -19.61 38.47 27.96
N ARG C 19 -20.38 38.95 26.98
CA ARG C 19 -19.81 39.25 25.67
C ARG C 19 -18.90 40.47 25.71
N GLN C 20 -19.38 41.58 26.30
CA GLN C 20 -18.55 42.77 26.43
C GLN C 20 -17.44 42.57 27.45
N GLU C 21 -17.67 41.72 28.45
CA GLU C 21 -16.61 41.24 29.32
C GLU C 21 -15.55 40.48 28.54
N ALA C 22 -15.96 39.69 27.54
CA ALA C 22 -15.02 38.90 26.76
C ALA C 22 -14.18 39.79 25.85
N GLU C 23 -14.72 40.95 25.44
CA GLU C 23 -13.92 41.91 24.69
C GLU C 23 -12.83 42.54 25.53
N GLN C 24 -13.02 42.60 26.86
CA GLN C 24 -11.95 42.99 27.76
C GLN C 24 -10.88 41.91 27.87
N LEU C 25 -11.29 40.64 27.70
CA LEU C 25 -10.39 39.53 27.99
C LEU C 25 -9.32 39.37 26.92
N LYS C 26 -9.74 39.33 25.64
CA LYS C 26 -8.78 39.15 24.56
C LYS C 26 -7.93 40.39 24.37
N ASN C 27 -8.52 41.58 24.54
CA ASN C 27 -7.79 42.82 24.33
C ASN C 27 -6.78 43.05 25.45
N GLN C 28 -6.98 42.41 26.60
CA GLN C 28 -5.96 42.36 27.63
C GLN C 28 -4.74 41.55 27.18
N ILE C 29 -4.92 40.57 26.29
CA ILE C 29 -3.80 39.75 25.85
C ILE C 29 -3.44 39.90 24.38
N ARG C 30 -4.27 40.58 23.56
CA ARG C 30 -3.89 40.79 22.16
C ARG C 30 -2.68 41.72 22.02
N ASP C 31 -2.73 42.90 22.65
CA ASP C 31 -1.60 43.82 22.55
C ASP C 31 -0.51 43.43 23.55
N ALA C 32 -0.85 42.64 24.56
CA ALA C 32 0.17 42.13 25.46
C ALA C 32 1.04 41.10 24.78
N ARG C 33 0.49 40.37 23.79
CA ARG C 33 1.33 39.51 22.96
C ARG C 33 2.22 40.34 22.06
N LYS C 34 1.74 41.50 21.62
CA LYS C 34 2.54 42.39 20.79
C LYS C 34 3.55 43.16 21.63
N ALA C 35 3.34 43.20 22.95
CA ALA C 35 4.20 43.98 23.84
C ALA C 35 5.58 43.34 23.97
N CYS C 36 5.65 42.01 24.04
CA CYS C 36 6.92 41.31 24.13
C CYS C 36 7.41 40.82 22.76
N ALA C 37 7.14 41.59 21.71
CA ALA C 37 7.38 41.19 20.33
C ALA C 37 8.38 42.12 19.68
N ASP C 38 9.55 42.26 20.33
CA ASP C 38 10.46 43.39 20.09
C ASP C 38 11.00 43.41 18.65
N ALA C 39 11.26 42.26 18.06
CA ALA C 39 11.89 42.20 16.75
C ALA C 39 11.42 40.98 15.98
N THR C 40 11.62 41.05 14.66
CA THR C 40 11.28 39.97 13.75
C THR C 40 12.27 38.83 13.89
N LEU C 41 11.76 37.59 13.81
CA LEU C 41 12.64 36.43 13.78
C LEU C 41 13.49 36.37 12.51
N SER C 42 12.97 36.86 11.39
CA SER C 42 13.76 36.86 10.15
C SER C 42 14.75 38.03 10.11
N GLN C 43 14.82 38.85 11.16
CA GLN C 43 15.84 39.88 11.27
C GLN C 43 16.99 39.50 12.20
N ILE C 44 16.75 38.61 13.18
CA ILE C 44 17.83 38.15 14.06
C ILE C 44 18.34 36.77 13.62
N THR C 45 17.77 36.18 12.57
CA THR C 45 18.31 34.95 11.99
C THR C 45 19.21 35.22 10.80
N ASN C 46 19.49 36.49 10.48
CA ASN C 46 20.41 36.80 9.40
C ASN C 46 21.85 36.42 9.76
N ASN C 47 22.14 36.33 11.06
CA ASN C 47 23.48 36.04 11.58
C ASN C 47 23.99 34.67 11.20
N ILE C 48 23.12 33.66 11.11
CA ILE C 48 23.54 32.29 10.94
C ILE C 48 23.64 31.96 9.45
N ASP C 49 24.22 30.80 9.16
CA ASP C 49 24.30 30.30 7.81
C ASP C 49 22.92 29.85 7.33
N PRO C 50 22.71 29.83 6.01
CA PRO C 50 21.62 29.00 5.47
C PRO C 50 21.98 27.53 5.54
N VAL C 51 20.97 26.70 5.30
CA VAL C 51 21.17 25.26 5.42
C VAL C 51 21.82 24.67 4.18
N GLY C 52 21.37 25.05 2.99
CA GLY C 52 21.89 24.49 1.76
C GLY C 52 20.91 23.59 1.04
N ARG C 53 21.32 23.16 -0.16
CA ARG C 53 20.49 22.30 -1.00
C ARG C 53 20.34 20.92 -0.37
N ILE C 54 19.14 20.60 0.10
CA ILE C 54 18.89 19.34 0.77
C ILE C 54 18.37 18.39 -0.30
N GLN C 55 19.28 17.71 -0.97
CA GLN C 55 18.92 16.74 -1.99
C GLN C 55 18.92 15.38 -1.32
N MET C 56 17.76 14.74 -1.28
CA MET C 56 17.61 13.49 -0.55
C MET C 56 17.10 12.42 -1.49
N ARG C 57 17.63 11.22 -1.35
CA ARG C 57 17.33 10.15 -2.28
C ARG C 57 16.49 9.08 -1.60
N THR C 58 15.52 8.57 -2.34
CA THR C 58 14.71 7.48 -1.84
C THR C 58 15.56 6.23 -1.81
N ARG C 59 16.18 5.96 -0.65
CA ARG C 59 17.00 4.78 -0.50
C ARG C 59 16.18 3.51 -0.61
N ARG C 60 15.38 3.21 0.40
CA ARG C 60 14.51 2.06 0.30
C ARG C 60 13.23 2.53 -0.34
N THR C 61 12.34 1.62 -0.66
CA THR C 61 11.01 1.98 -1.12
C THR C 61 10.11 0.85 -0.67
N LEU C 62 9.36 1.13 0.38
CA LEU C 62 8.52 0.14 0.98
C LEU C 62 7.23 0.05 0.20
N ARG C 63 7.07 -0.98 -0.59
CA ARG C 63 5.86 -1.10 -1.37
C ARG C 63 5.11 -2.31 -0.89
N GLY C 64 3.79 -2.26 -1.00
CA GLY C 64 2.98 -3.33 -0.48
C GLY C 64 1.64 -2.87 0.06
N HIS C 65 1.50 -1.59 0.35
CA HIS C 65 0.18 -1.07 0.62
C HIS C 65 -0.60 -0.98 -0.68
N LEU C 66 -1.92 -1.06 -0.61
CA LEU C 66 -2.75 -1.12 -1.81
C LEU C 66 -3.83 -0.05 -1.84
N ALA C 67 -3.71 0.97 -1.01
CA ALA C 67 -4.61 2.11 -1.05
C ALA C 67 -3.83 3.30 -0.56
N LYS C 68 -4.52 4.37 -0.20
CA LYS C 68 -3.82 5.53 0.30
C LYS C 68 -3.26 5.24 1.68
N ILE C 69 -2.18 5.91 2.02
CA ILE C 69 -1.53 5.72 3.32
C ILE C 69 -1.85 6.94 4.15
N TYR C 70 -2.46 6.73 5.32
CA TYR C 70 -2.95 7.87 6.06
C TYR C 70 -2.06 8.26 7.22
N ALA C 71 -1.35 7.32 7.82
CA ALA C 71 -0.35 7.67 8.81
C ALA C 71 0.75 6.64 8.88
N MET C 72 1.94 7.09 9.25
CA MET C 72 3.04 6.22 9.62
C MET C 72 3.66 6.74 10.90
N HIS C 73 4.23 5.83 11.67
CA HIS C 73 4.96 6.18 12.88
C HIS C 73 6.23 5.33 12.99
N TRP C 74 7.35 6.00 13.27
CA TRP C 74 8.63 5.35 13.54
C TRP C 74 8.64 4.74 14.92
N GLY C 75 9.26 3.56 15.03
CA GLY C 75 9.56 2.95 16.30
C GLY C 75 10.60 3.74 17.05
N THR C 76 10.93 3.28 18.24
CA THR C 76 11.86 4.07 19.04
C THR C 76 13.29 3.64 18.79
N ASP C 77 13.49 2.52 18.11
CA ASP C 77 14.84 2.10 17.76
C ASP C 77 15.30 2.65 16.42
N SER C 78 14.48 3.50 15.78
CA SER C 78 14.69 4.12 14.48
C SER C 78 14.81 3.11 13.36
N ARG C 79 14.33 1.90 13.57
CA ARG C 79 14.47 0.85 12.58
C ARG C 79 13.13 0.26 12.20
N LEU C 80 12.28 -0.09 13.14
CA LEU C 80 10.96 -0.53 12.78
C LEU C 80 10.11 0.69 12.52
N LEU C 81 9.04 0.52 11.75
CA LEU C 81 8.07 1.59 11.53
C LEU C 81 6.74 0.96 11.18
N VAL C 82 5.67 1.55 11.66
CA VAL C 82 4.32 1.09 11.37
C VAL C 82 3.68 2.09 10.44
N SER C 83 2.95 1.60 9.45
CA SER C 83 2.24 2.45 8.52
C SER C 83 0.83 1.94 8.39
N ALA C 84 -0.12 2.86 8.41
CA ALA C 84 -1.55 2.53 8.39
C ALA C 84 -2.14 3.01 7.10
N SER C 85 -2.71 2.11 6.32
CA SER C 85 -3.25 2.54 5.07
C SER C 85 -4.75 2.41 5.10
N GLN C 86 -5.36 2.97 4.07
CA GLN C 86 -6.78 3.14 4.00
C GLN C 86 -7.46 1.88 3.49
N ASP C 87 -6.70 0.86 3.10
CA ASP C 87 -7.32 -0.42 2.82
C ASP C 87 -7.38 -1.31 4.04
N GLY C 88 -7.08 -0.79 5.21
CA GLY C 88 -7.26 -1.57 6.41
C GLY C 88 -6.19 -2.60 6.65
N LYS C 89 -4.93 -2.20 6.53
CA LYS C 89 -3.81 -3.01 6.96
C LYS C 89 -2.89 -2.10 7.76
N LEU C 90 -2.40 -2.61 8.86
CA LEU C 90 -1.31 -2.02 9.59
C LEU C 90 -0.12 -2.92 9.30
N ILE C 91 1.01 -2.34 8.93
CA ILE C 91 2.14 -3.11 8.47
C ILE C 91 3.37 -2.62 9.19
N ILE C 92 4.13 -3.53 9.79
CA ILE C 92 5.37 -3.15 10.44
C ILE C 92 6.53 -3.54 9.55
N TRP C 93 7.34 -2.57 9.21
CA TRP C 93 8.45 -2.76 8.29
C TRP C 93 9.74 -2.83 9.08
N ASP C 94 10.64 -3.66 8.59
CA ASP C 94 12.03 -3.55 8.96
C ASP C 94 12.57 -2.57 7.94
N SER C 95 12.73 -1.31 8.35
CA SER C 95 13.10 -0.27 7.39
C SER C 95 14.54 -0.40 6.93
N TYR C 96 15.35 -1.23 7.58
CA TYR C 96 16.70 -1.46 7.10
C TYR C 96 16.69 -2.35 5.86
N THR C 97 16.04 -3.50 5.96
CA THR C 97 16.05 -4.44 4.87
C THR C 97 14.74 -4.54 4.12
N THR C 98 13.83 -3.57 4.29
CA THR C 98 12.65 -3.35 3.45
C THR C 98 11.74 -4.58 3.47
N ASN C 99 11.66 -5.17 4.65
CA ASN C 99 10.86 -6.37 4.71
C ASN C 99 9.90 -6.32 5.88
N LYS C 100 8.85 -7.10 5.78
CA LYS C 100 7.73 -7.01 6.70
C LYS C 100 7.98 -7.84 7.94
N VAL C 101 7.79 -7.22 9.10
CA VAL C 101 7.87 -8.00 10.32
C VAL C 101 6.51 -8.54 10.68
N HIS C 102 5.49 -7.70 10.71
CA HIS C 102 4.10 -8.08 10.94
C HIS C 102 3.22 -7.32 9.99
N ALA C 103 2.09 -7.93 9.63
CA ALA C 103 1.04 -7.23 8.89
C ALA C 103 -0.26 -7.40 9.66
N ILE C 104 -0.65 -6.36 10.39
CA ILE C 104 -1.80 -6.42 11.29
C ILE C 104 -3.07 -6.07 10.51
N PRO C 105 -4.07 -6.93 10.49
CA PRO C 105 -5.32 -6.60 9.79
C PRO C 105 -6.30 -5.89 10.71
N LEU C 106 -7.00 -4.88 10.21
CA LEU C 106 -7.78 -4.03 11.09
C LEU C 106 -9.27 -4.31 10.99
N ARG C 107 -9.95 -4.11 12.12
CA ARG C 107 -11.37 -4.37 12.21
C ARG C 107 -12.20 -3.37 11.42
N SER C 108 -11.79 -2.10 11.37
CA SER C 108 -12.41 -1.12 10.49
C SER C 108 -11.34 -0.50 9.64
N SER C 109 -11.57 -0.43 8.34
CA SER C 109 -10.56 -0.05 7.40
C SER C 109 -10.46 1.44 7.19
N TRP C 110 -10.93 2.25 8.13
CA TRP C 110 -11.07 3.69 7.88
C TRP C 110 -10.07 4.47 8.71
N VAL C 111 -8.83 3.99 8.70
CA VAL C 111 -7.77 4.41 9.61
C VAL C 111 -7.37 5.84 9.25
N MET C 112 -7.30 6.71 10.22
CA MET C 112 -6.73 8.02 9.95
C MET C 112 -5.46 8.28 10.73
N THR C 113 -5.07 7.37 11.62
CA THR C 113 -3.88 7.56 12.43
C THR C 113 -3.37 6.22 12.95
N CYS C 114 -2.10 6.22 13.34
CA CYS C 114 -1.45 5.07 13.95
C CYS C 114 -0.31 5.59 14.80
N ALA C 115 0.21 4.74 15.69
CA ALA C 115 1.27 5.10 16.61
C ALA C 115 2.02 3.87 17.10
N TYR C 116 3.27 4.07 17.47
CA TYR C 116 4.16 3.02 17.94
C TYR C 116 4.41 3.29 19.43
N ALA C 117 4.33 2.26 20.26
CA ALA C 117 4.65 2.45 21.66
C ALA C 117 6.14 2.66 21.86
N PRO C 118 6.53 3.50 22.83
CA PRO C 118 7.97 3.75 23.04
C PRO C 118 8.71 2.59 23.66
N SER C 119 8.02 1.53 24.06
CA SER C 119 8.66 0.29 24.41
C SER C 119 8.66 -0.73 23.27
N GLY C 120 7.87 -0.48 22.24
CA GLY C 120 7.81 -1.39 21.12
C GLY C 120 6.84 -2.53 21.27
N ASN C 121 6.24 -2.70 22.43
CA ASN C 121 5.35 -3.83 22.58
C ASN C 121 4.00 -3.59 21.94
N TYR C 122 3.64 -2.33 21.74
CA TYR C 122 2.27 -1.98 21.37
C TYR C 122 2.22 -1.06 20.16
N VAL C 123 1.17 -1.25 19.36
CA VAL C 123 0.85 -0.34 18.27
C VAL C 123 -0.63 -0.04 18.40
N ALA C 124 -1.02 1.21 18.16
CA ALA C 124 -2.43 1.58 18.17
C ALA C 124 -2.86 2.17 16.83
N CYS C 125 -4.16 2.09 16.55
CA CYS C 125 -4.74 2.72 15.38
C CYS C 125 -6.17 3.15 15.65
N GLY C 126 -6.61 4.22 15.01
CA GLY C 126 -8.00 4.61 15.04
C GLY C 126 -8.34 5.48 13.84
N GLY C 127 -9.62 5.74 13.68
CA GLY C 127 -10.10 6.53 12.55
C GLY C 127 -11.55 6.83 12.66
N LEU C 128 -12.29 6.58 11.57
CA LEU C 128 -13.70 6.92 11.49
C LEU C 128 -14.60 5.94 12.23
N ASP C 129 -14.06 4.97 12.94
CA ASP C 129 -14.89 4.08 13.72
C ASP C 129 -14.98 4.48 15.18
N ASN C 130 -14.35 5.60 15.54
CA ASN C 130 -14.48 6.29 16.82
C ASN C 130 -13.79 5.58 17.98
N ILE C 131 -12.97 4.56 17.72
CA ILE C 131 -12.26 3.81 18.75
C ILE C 131 -10.77 3.78 18.39
N CYS C 132 -9.90 3.74 19.40
CA CYS C 132 -8.45 3.67 19.20
C CYS C 132 -7.98 2.33 19.74
N SER C 133 -8.03 1.29 18.89
CA SER C 133 -7.61 -0.07 19.26
C SER C 133 -6.11 -0.09 19.45
N ILE C 134 -5.62 -0.81 20.46
CA ILE C 134 -4.17 -1.00 20.61
C ILE C 134 -3.89 -2.49 20.44
N TYR C 135 -2.71 -2.81 19.91
CA TYR C 135 -2.35 -4.16 19.50
C TYR C 135 -1.05 -4.57 20.18
N ASN C 136 -1.02 -5.78 20.72
CA ASN C 136 0.13 -6.29 21.45
C ASN C 136 1.04 -7.00 20.46
N LEU C 137 2.24 -6.45 20.25
CA LEU C 137 3.15 -7.04 19.26
C LEU C 137 3.89 -8.23 19.83
N LYS C 138 4.71 -7.98 20.83
CA LYS C 138 5.56 -8.99 21.43
C LYS C 138 4.71 -9.75 22.43
N THR C 139 4.06 -10.80 21.96
CA THR C 139 3.32 -11.67 22.86
C THR C 139 3.93 -13.07 22.83
N ARG C 140 3.34 -13.97 23.62
CA ARG C 140 3.88 -15.31 23.78
C ARG C 140 3.74 -16.14 22.51
N GLU C 141 2.62 -16.04 21.82
CA GLU C 141 2.42 -16.80 20.60
C GLU C 141 2.86 -15.98 19.40
N GLY C 142 2.50 -16.44 18.23
CA GLY C 142 3.10 -15.87 17.05
C GLY C 142 2.48 -14.60 16.52
N ASN C 143 1.20 -14.40 16.79
CA ASN C 143 0.47 -13.34 16.13
C ASN C 143 0.41 -12.07 16.97
N VAL C 144 0.05 -10.97 16.32
CA VAL C 144 -0.28 -9.72 16.97
C VAL C 144 -1.75 -9.75 17.29
N ARG C 145 -2.11 -9.49 18.53
CA ARG C 145 -3.52 -9.42 18.87
C ARG C 145 -3.85 -8.12 19.57
N VAL C 146 -5.14 -7.81 19.60
CA VAL C 146 -5.64 -6.53 20.09
C VAL C 146 -5.89 -6.64 21.59
N SER C 147 -5.40 -5.65 22.33
CA SER C 147 -5.49 -5.70 23.78
C SER C 147 -6.73 -4.98 24.27
N ARG C 148 -6.84 -3.68 24.01
CA ARG C 148 -7.97 -2.88 24.44
C ARG C 148 -8.43 -1.99 23.30
N GLU C 149 -9.74 -1.86 23.18
CA GLU C 149 -10.39 -0.88 22.30
C GLU C 149 -10.89 0.25 23.18
N LEU C 150 -10.38 1.45 22.92
CA LEU C 150 -10.70 2.59 23.78
C LEU C 150 -11.87 3.39 23.22
N ALA C 151 -13.08 3.04 23.62
CA ALA C 151 -14.29 3.68 23.14
C ALA C 151 -14.69 4.81 24.08
N GLY C 152 -15.36 5.82 23.54
CA GLY C 152 -15.77 6.94 24.34
C GLY C 152 -15.76 8.27 23.62
N HIS C 153 -15.19 8.28 22.43
CA HIS C 153 -15.23 9.46 21.59
C HIS C 153 -16.46 9.41 20.71
N THR C 154 -16.99 10.59 20.38
CA THR C 154 -18.19 10.67 19.55
C THR C 154 -17.96 11.33 18.21
N GLY C 155 -16.72 11.76 17.93
CA GLY C 155 -16.33 12.20 16.61
C GLY C 155 -15.36 11.21 15.99
N TYR C 156 -14.95 11.51 14.77
CA TYR C 156 -13.92 10.69 14.14
C TYR C 156 -12.61 10.93 14.85
N LEU C 157 -11.72 9.95 14.82
CA LEU C 157 -10.52 9.95 15.64
C LEU C 157 -9.31 10.21 14.76
N SER C 158 -8.57 11.27 15.06
CA SER C 158 -7.55 11.70 14.12
C SER C 158 -6.10 11.58 14.60
N CYS C 159 -5.83 11.29 15.88
CA CYS C 159 -4.45 11.07 16.31
C CYS C 159 -4.43 10.28 17.61
N CYS C 160 -3.73 9.10 17.59
CA CYS C 160 -3.43 8.28 18.78
C CYS C 160 -1.95 8.54 19.08
N ARG C 161 -1.61 8.79 20.33
CA ARG C 161 -0.21 8.92 20.73
C ARG C 161 0.01 8.32 22.10
N PHE C 162 0.96 7.39 22.18
CA PHE C 162 1.25 6.65 23.41
C PHE C 162 2.12 7.53 24.29
N LEU C 163 1.77 7.61 25.58
CA LEU C 163 2.65 8.24 26.55
C LEU C 163 3.65 7.23 27.10
N ASP C 164 3.14 6.10 27.54
CA ASP C 164 3.93 4.94 27.88
C ASP C 164 3.07 3.73 27.56
N ASP C 165 3.38 2.61 28.17
CA ASP C 165 2.68 1.38 27.86
C ASP C 165 1.25 1.38 28.39
N ASN C 166 0.91 2.27 29.32
CA ASN C 166 -0.40 2.27 29.94
C ASN C 166 -1.20 3.54 29.71
N GLN C 167 -0.61 4.60 29.17
CA GLN C 167 -1.35 5.83 28.91
C GLN C 167 -1.19 6.24 27.45
N ILE C 168 -2.30 6.55 26.80
CA ILE C 168 -2.32 6.98 25.41
C ILE C 168 -3.30 8.14 25.27
N VAL C 169 -2.86 9.24 24.69
CA VAL C 169 -3.71 10.39 24.48
C VAL C 169 -4.28 10.33 23.08
N THR C 170 -5.60 10.49 22.94
CA THR C 170 -6.24 10.50 21.64
C THR C 170 -7.02 11.80 21.45
N SER C 171 -6.86 12.43 20.28
CA SER C 171 -7.70 13.54 19.86
C SER C 171 -8.76 13.06 18.89
N SER C 172 -9.88 13.76 18.84
CA SER C 172 -10.97 13.32 17.99
C SER C 172 -11.68 14.49 17.34
N GLY C 173 -12.59 14.15 16.43
CA GLY C 173 -13.44 15.13 15.78
C GLY C 173 -14.79 15.32 16.44
N ASP C 174 -14.90 15.12 17.75
CA ASP C 174 -15.98 15.71 18.52
C ASP C 174 -15.50 16.87 19.34
N THR C 175 -14.43 17.53 18.88
CA THR C 175 -13.77 18.68 19.50
C THR C 175 -13.14 18.35 20.85
N THR C 176 -12.90 17.07 21.16
CA THR C 176 -12.35 16.68 22.46
C THR C 176 -11.10 15.82 22.29
N CYS C 177 -10.06 16.14 23.07
CA CYS C 177 -8.95 15.23 23.32
C CYS C 177 -9.13 14.58 24.68
N ALA C 178 -8.55 13.40 24.84
CA ALA C 178 -8.76 12.59 26.03
C ALA C 178 -7.44 11.97 26.46
N LEU C 179 -7.35 11.60 27.74
CA LEU C 179 -6.25 10.77 28.23
C LEU C 179 -6.85 9.45 28.66
N TRP C 180 -6.09 8.37 28.56
CA TRP C 180 -6.64 7.06 28.86
C TRP C 180 -5.72 6.25 29.75
N ASP C 181 -6.32 5.29 30.44
CA ASP C 181 -5.59 4.25 31.15
C ASP C 181 -5.96 2.94 30.47
N ILE C 182 -5.01 2.33 29.76
CA ILE C 182 -5.35 1.18 28.93
C ILE C 182 -5.60 -0.04 29.79
N GLU C 183 -5.01 -0.09 30.98
CA GLU C 183 -5.22 -1.21 31.89
C GLU C 183 -6.68 -1.29 32.32
N THR C 184 -7.26 -0.15 32.70
CA THR C 184 -8.67 -0.11 33.04
C THR C 184 -9.56 0.07 31.82
N GLY C 185 -9.18 0.96 30.91
CA GLY C 185 -9.83 1.06 29.60
C GLY C 185 -10.79 2.21 29.47
N GLN C 186 -10.59 3.29 30.21
CA GLN C 186 -11.54 4.38 30.21
C GLN C 186 -10.84 5.67 30.49
N GLN C 187 -11.47 6.78 30.12
CA GLN C 187 -10.84 8.08 30.14
C GLN C 187 -10.55 8.50 31.57
N THR C 188 -9.30 8.79 31.84
CA THR C 188 -8.98 9.45 33.10
C THR C 188 -9.15 10.95 33.01
N THR C 189 -9.10 11.52 31.81
CA THR C 189 -9.27 12.95 31.65
C THR C 189 -10.03 13.17 30.36
N THR C 190 -10.54 14.39 30.15
CA THR C 190 -11.04 14.85 28.86
C THR C 190 -10.68 16.33 28.76
N PHE C 191 -10.25 16.75 27.57
CA PHE C 191 -9.63 18.05 27.37
C PHE C 191 -10.49 18.85 26.40
N THR C 192 -11.41 19.66 26.92
CA THR C 192 -12.46 20.30 26.13
C THR C 192 -12.26 21.81 26.14
N GLY C 193 -11.63 22.32 25.09
CA GLY C 193 -11.61 23.75 24.86
C GLY C 193 -11.79 24.10 23.40
N HIS C 194 -11.69 23.10 22.54
CA HIS C 194 -11.75 23.31 21.11
C HIS C 194 -13.20 23.38 20.65
N THR C 195 -13.45 24.22 19.65
CA THR C 195 -14.78 24.39 19.08
C THR C 195 -14.94 23.68 17.74
N GLY C 196 -13.86 23.54 16.97
CA GLY C 196 -13.91 22.83 15.71
C GLY C 196 -13.26 21.47 15.85
N ASP C 197 -13.27 20.73 14.74
CA ASP C 197 -12.69 19.39 14.69
C ASP C 197 -11.20 19.42 14.99
N VAL C 198 -10.79 18.62 15.96
CA VAL C 198 -9.39 18.52 16.34
C VAL C 198 -8.70 17.53 15.42
N MET C 199 -7.60 17.95 14.81
CA MET C 199 -6.98 17.13 13.79
C MET C 199 -5.62 16.54 14.16
N SER C 200 -4.92 17.05 15.16
CA SER C 200 -3.54 16.66 15.40
C SER C 200 -3.22 16.51 16.88
N LEU C 201 -2.09 15.85 17.15
CA LEU C 201 -1.56 15.68 18.50
C LEU C 201 -0.04 15.64 18.40
N SER C 202 0.61 16.07 19.47
CA SER C 202 2.05 15.95 19.53
C SER C 202 2.42 15.90 21.00
N LEU C 203 2.85 14.74 21.46
CA LEU C 203 3.28 14.59 22.82
C LEU C 203 4.63 15.22 23.01
N ALA C 204 4.91 15.67 24.22
CA ALA C 204 6.15 16.33 24.49
C ALA C 204 7.27 15.30 24.66
N PRO C 205 8.52 15.72 24.47
CA PRO C 205 9.65 14.84 24.81
C PRO C 205 9.69 14.47 26.28
N ASP C 206 9.33 15.38 27.17
CA ASP C 206 9.16 15.03 28.57
C ASP C 206 7.82 14.38 28.85
N THR C 207 6.94 14.33 27.86
CA THR C 207 5.59 13.73 27.91
C THR C 207 4.73 14.32 29.02
N ARG C 208 4.95 15.57 29.39
CA ARG C 208 4.15 16.19 30.44
C ARG C 208 3.09 17.13 29.87
N LEU C 209 3.32 17.65 28.68
CA LEU C 209 2.35 18.49 27.99
C LEU C 209 2.08 17.91 26.62
N PHE C 210 1.06 18.46 25.95
CA PHE C 210 0.92 18.26 24.52
C PHE C 210 0.16 19.42 23.90
N VAL C 211 0.30 19.58 22.61
CA VAL C 211 -0.39 20.61 21.85
C VAL C 211 -1.26 19.88 20.85
N SER C 212 -2.42 20.43 20.54
CA SER C 212 -3.33 19.78 19.60
C SER C 212 -3.97 20.86 18.75
N GLY C 213 -4.09 20.60 17.45
CA GLY C 213 -4.61 21.58 16.54
C GLY C 213 -6.02 21.25 16.08
N ALA C 214 -6.78 22.30 15.79
CA ALA C 214 -8.19 22.10 15.52
C ALA C 214 -8.62 22.81 14.25
N CYS C 215 -9.84 22.49 13.81
CA CYS C 215 -10.47 23.15 12.67
C CYS C 215 -11.11 24.49 13.01
N ASP C 216 -10.88 25.01 14.22
CA ASP C 216 -11.25 26.38 14.56
C ASP C 216 -10.16 27.37 14.22
N ALA C 217 -9.11 26.90 13.51
CA ALA C 217 -7.91 27.66 13.16
C ALA C 217 -7.12 28.11 14.40
N SER C 218 -7.24 27.35 15.48
CA SER C 218 -6.48 27.66 16.69
C SER C 218 -5.98 26.38 17.32
N ALA C 219 -4.80 26.45 17.93
CA ALA C 219 -4.16 25.31 18.56
C ALA C 219 -3.91 25.64 20.01
N LYS C 220 -3.89 24.63 20.87
CA LYS C 220 -3.90 24.80 22.32
C LYS C 220 -2.94 23.83 22.99
N LEU C 221 -2.26 24.30 24.04
CA LEU C 221 -1.38 23.48 24.85
C LEU C 221 -2.17 22.90 26.01
N TRP C 222 -1.92 21.63 26.34
CA TRP C 222 -2.61 20.99 27.46
C TRP C 222 -1.62 20.43 28.49
N ASP C 223 -2.15 20.13 29.67
CA ASP C 223 -1.40 19.39 30.67
C ASP C 223 -2.04 18.02 30.87
N VAL C 224 -1.23 16.98 30.88
CA VAL C 224 -1.77 15.62 30.93
C VAL C 224 -2.28 15.21 32.31
N ARG C 225 -1.75 15.81 33.37
CA ARG C 225 -2.16 15.42 34.72
C ARG C 225 -3.26 16.34 35.24
N GLU C 226 -3.13 17.64 34.94
CA GLU C 226 -4.14 18.61 35.36
C GLU C 226 -5.45 18.37 34.63
N GLY C 227 -5.43 18.51 33.32
CA GLY C 227 -6.61 18.34 32.51
C GLY C 227 -7.18 19.58 31.91
N MET C 228 -6.62 20.74 32.21
CA MET C 228 -7.16 21.99 31.72
C MET C 228 -6.35 22.48 30.54
N CYS C 229 -6.96 23.36 29.76
CA CYS C 229 -6.31 23.87 28.57
C CYS C 229 -5.32 24.96 28.95
N ARG C 230 -4.02 24.65 28.82
CA ARG C 230 -2.99 25.50 29.39
C ARG C 230 -2.80 26.78 28.58
N GLN C 231 -2.74 26.67 27.26
CA GLN C 231 -2.54 27.84 26.41
C GLN C 231 -3.46 27.74 25.21
N THR C 232 -3.48 28.82 24.42
CA THR C 232 -4.31 28.90 23.21
C THR C 232 -3.64 29.86 22.23
N PHE C 233 -3.47 29.43 20.99
CA PHE C 233 -2.77 30.22 19.99
C PHE C 233 -3.62 30.33 18.74
N THR C 234 -3.76 31.54 18.23
CA THR C 234 -4.42 31.81 16.96
C THR C 234 -3.37 32.26 15.96
N GLY C 235 -3.81 32.45 14.72
CA GLY C 235 -2.89 32.92 13.70
C GLY C 235 -3.13 32.34 12.33
N HIS C 236 -3.93 31.29 12.26
CA HIS C 236 -4.22 30.71 10.96
C HIS C 236 -5.61 31.13 10.49
N GLU C 237 -5.84 31.00 9.19
CA GLU C 237 -7.10 31.41 8.57
C GLU C 237 -7.95 30.25 8.11
N SER C 238 -7.48 29.01 8.26
CA SER C 238 -8.31 27.84 7.99
C SER C 238 -7.84 26.72 8.89
N ASP C 239 -8.27 25.51 8.56
CA ASP C 239 -8.15 24.35 9.43
C ASP C 239 -6.69 23.97 9.66
N ILE C 240 -6.37 23.57 10.89
CA ILE C 240 -5.03 23.12 11.24
C ILE C 240 -4.98 21.62 11.02
N ASN C 241 -4.01 21.17 10.24
CA ASN C 241 -3.98 19.80 9.77
C ASN C 241 -2.94 18.93 10.46
N ALA C 242 -1.89 19.53 11.00
CA ALA C 242 -0.80 18.75 11.57
C ALA C 242 -0.03 19.57 12.58
N ILE C 243 0.30 18.94 13.71
CA ILE C 243 1.19 19.50 14.71
C ILE C 243 2.21 18.42 15.07
N CYS C 244 3.47 18.80 15.13
CA CYS C 244 4.48 18.01 15.81
C CYS C 244 5.13 18.95 16.83
N PHE C 245 5.82 18.37 17.80
CA PHE C 245 6.67 19.18 18.66
C PHE C 245 8.06 19.35 18.09
N PHE C 246 8.64 20.50 18.36
CA PHE C 246 10.08 20.71 18.25
C PHE C 246 10.81 19.77 19.21
N PRO C 247 12.09 19.46 18.94
CA PRO C 247 12.86 18.67 19.92
C PRO C 247 13.16 19.37 21.22
N ASN C 248 12.90 20.66 21.34
CA ASN C 248 12.88 21.32 22.63
C ASN C 248 11.79 20.72 23.51
N GLY C 249 10.64 20.44 22.92
CA GLY C 249 9.40 20.37 23.65
C GLY C 249 8.79 21.72 23.95
N ASN C 250 9.44 22.80 23.53
CA ASN C 250 9.04 24.17 23.81
C ASN C 250 8.57 24.92 22.58
N ALA C 251 8.19 24.22 21.51
CA ALA C 251 7.74 24.84 20.28
C ALA C 251 7.01 23.81 19.43
N PHE C 252 6.17 24.29 18.53
CA PHE C 252 5.46 23.39 17.64
C PHE C 252 5.16 24.07 16.33
N ALA C 253 5.00 23.28 15.28
CA ALA C 253 4.70 23.79 13.95
C ALA C 253 3.31 23.34 13.55
N THR C 254 2.49 24.28 13.09
CA THR C 254 1.13 24.01 12.65
C THR C 254 1.05 24.09 11.14
N GLY C 255 0.68 22.99 10.52
CA GLY C 255 0.51 23.02 9.10
C GLY C 255 -0.96 23.09 8.78
N SER C 256 -1.37 24.09 8.03
CA SER C 256 -2.79 24.37 7.85
C SER C 256 -3.19 24.30 6.39
N ASP C 257 -4.50 24.31 6.14
CA ASP C 257 -5.07 24.37 4.79
C ASP C 257 -4.94 25.72 4.13
N ASP C 258 -4.38 26.72 4.82
CA ASP C 258 -4.03 28.01 4.24
C ASP C 258 -2.66 27.97 3.57
N ALA C 259 -2.17 26.78 3.21
CA ALA C 259 -0.90 26.56 2.49
C ALA C 259 0.32 27.04 3.27
N THR C 260 0.18 27.20 4.58
CA THR C 260 1.23 27.80 5.39
C THR C 260 1.55 26.90 6.55
N CYS C 261 2.81 26.91 6.96
CA CYS C 261 3.23 26.42 8.26
C CYS C 261 3.51 27.64 9.12
N ARG C 262 3.32 27.50 10.42
CA ARG C 262 3.66 28.55 11.37
C ARG C 262 4.23 27.92 12.63
N LEU C 263 5.10 28.66 13.30
CA LEU C 263 5.90 28.16 14.42
C LEU C 263 5.57 28.97 15.66
N PHE C 264 5.10 28.29 16.69
CA PHE C 264 4.75 28.95 17.94
C PHE C 264 5.76 28.60 19.03
N ASP C 265 5.95 29.52 19.97
CA ASP C 265 6.71 29.27 21.19
C ASP C 265 5.76 29.35 22.36
N LEU C 266 5.68 28.27 23.14
CA LEU C 266 4.75 28.14 24.26
C LEU C 266 5.01 29.18 25.35
N ARG C 267 6.27 29.42 25.69
CA ARG C 267 6.57 30.44 26.69
C ARG C 267 6.41 31.85 26.12
N ALA C 268 6.36 31.98 24.79
CA ALA C 268 6.12 33.28 24.19
C ALA C 268 4.69 33.43 23.67
N ASP C 269 3.89 32.35 23.72
CA ASP C 269 2.42 32.39 23.61
C ASP C 269 1.90 32.84 22.23
N GLN C 270 2.79 33.05 21.26
CA GLN C 270 2.40 33.55 19.95
C GLN C 270 3.36 33.02 18.92
N GLU C 271 3.05 33.27 17.65
CA GLU C 271 3.82 32.69 16.56
C GLU C 271 5.06 33.50 16.27
N LEU C 272 6.03 32.85 15.64
CA LEU C 272 7.32 33.46 15.36
C LEU C 272 7.60 33.52 13.87
N MET C 273 7.49 32.40 13.16
CA MET C 273 7.88 32.33 11.77
C MET C 273 6.79 31.64 10.97
N THR C 274 6.52 32.17 9.77
CA THR C 274 5.49 31.64 8.89
C THR C 274 6.11 31.14 7.59
N TYR C 275 5.85 29.88 7.25
CA TYR C 275 6.51 29.22 6.12
C TYR C 275 5.53 29.08 4.97
N SER C 276 5.64 29.97 4.00
CA SER C 276 4.79 29.91 2.81
C SER C 276 5.54 30.46 1.60
N HIS C 277 5.07 30.06 0.43
CA HIS C 277 5.55 30.56 -0.85
C HIS C 277 4.36 30.76 -1.77
N ASP C 278 4.45 31.78 -2.64
CA ASP C 278 3.32 32.19 -3.46
C ASP C 278 2.93 31.13 -4.49
N ASN C 279 3.89 30.29 -4.90
CA ASN C 279 3.61 29.34 -5.96
C ASN C 279 2.86 28.11 -5.47
N ILE C 280 2.73 27.93 -4.16
CA ILE C 280 2.03 26.79 -3.58
C ILE C 280 0.83 27.28 -2.78
N ILE C 281 -0.37 26.98 -3.26
CA ILE C 281 -1.57 27.30 -2.50
C ILE C 281 -2.45 26.06 -2.34
N CYS C 282 -1.86 24.92 -2.05
CA CYS C 282 -2.61 23.77 -1.59
C CYS C 282 -2.24 23.49 -0.12
N GLY C 283 -2.94 22.54 0.49
CA GLY C 283 -2.81 22.34 1.92
C GLY C 283 -1.48 21.74 2.39
N ILE C 284 -1.44 21.35 3.66
CA ILE C 284 -0.27 20.74 4.28
C ILE C 284 -0.78 19.56 5.09
N THR C 285 -0.55 18.34 4.61
CA THR C 285 -1.24 17.20 5.20
C THR C 285 -0.53 16.63 6.41
N SER C 286 0.78 16.85 6.54
CA SER C 286 1.49 16.32 7.69
C SER C 286 2.75 17.12 7.95
N VAL C 287 3.20 17.12 9.19
CA VAL C 287 4.38 17.85 9.63
C VAL C 287 5.22 16.93 10.52
N SER C 288 6.55 17.02 10.40
CA SER C 288 7.48 16.46 11.39
C SER C 288 8.73 17.33 11.42
N PHE C 289 9.46 17.25 12.53
CA PHE C 289 10.71 17.96 12.68
C PHE C 289 11.88 16.99 12.61
N SER C 290 13.10 17.53 12.58
CA SER C 290 14.29 16.70 12.56
C SER C 290 15.05 16.82 13.88
N LYS C 291 16.16 16.09 13.96
CA LYS C 291 16.89 15.90 15.22
C LYS C 291 17.49 17.20 15.74
N SER C 292 18.00 18.04 14.83
CA SER C 292 18.45 19.35 15.27
C SER C 292 17.29 20.26 15.60
N GLY C 293 16.11 19.96 15.08
CA GLY C 293 15.14 21.01 14.91
C GLY C 293 15.55 22.02 13.88
N ARG C 294 16.29 21.62 12.86
CA ARG C 294 16.71 22.56 11.82
C ARG C 294 15.94 22.32 10.54
N LEU C 295 15.42 21.11 10.36
CA LEU C 295 14.65 20.84 9.17
C LEU C 295 13.22 20.52 9.54
N LEU C 296 12.31 21.37 9.07
CA LEU C 296 10.87 21.18 9.15
C LEU C 296 10.49 20.39 7.91
N LEU C 297 10.01 19.19 8.09
CA LEU C 297 9.57 18.42 6.94
C LEU C 297 8.05 18.40 6.94
N ALA C 298 7.47 18.76 5.80
CA ALA C 298 6.04 19.01 5.71
C ALA C 298 5.49 18.40 4.43
N GLY C 299 4.50 17.53 4.57
CA GLY C 299 4.00 16.82 3.42
C GLY C 299 2.79 17.45 2.79
N TYR C 300 2.99 18.19 1.70
CA TYR C 300 1.95 19.00 1.10
C TYR C 300 1.01 18.17 0.26
N ASP C 301 0.22 18.83 -0.57
CA ASP C 301 -0.68 18.09 -1.44
C ASP C 301 -0.77 18.64 -2.86
N ASP C 302 0.30 19.23 -3.39
CA ASP C 302 0.52 19.24 -4.83
C ASP C 302 1.44 18.11 -5.21
N PHE C 303 1.35 17.04 -4.43
CA PHE C 303 1.85 15.69 -4.58
C PHE C 303 3.31 15.56 -4.16
N ASN C 304 3.89 16.55 -3.50
CA ASN C 304 5.27 16.42 -3.07
C ASN C 304 5.44 16.99 -1.67
N CYS C 305 6.38 16.44 -0.93
CA CYS C 305 6.78 16.96 0.37
C CYS C 305 7.77 18.09 0.20
N ASN C 306 7.74 19.04 1.09
CA ASN C 306 8.72 20.13 1.07
C ASN C 306 9.45 20.14 2.40
N VAL C 307 10.77 20.24 2.33
CA VAL C 307 11.61 20.20 3.51
C VAL C 307 11.94 21.65 3.84
N TRP C 308 11.16 22.23 4.72
CA TRP C 308 11.36 23.61 5.09
C TRP C 308 12.50 23.71 6.10
N ASP C 309 13.18 24.84 6.09
CA ASP C 309 14.16 25.11 7.14
C ASP C 309 13.50 25.98 8.19
N ALA C 310 13.62 25.58 9.45
CA ALA C 310 12.75 26.15 10.47
C ALA C 310 13.25 27.51 10.93
N LEU C 311 14.50 27.83 10.64
CA LEU C 311 15.04 29.08 11.14
C LEU C 311 15.10 30.16 10.06
N LYS C 312 15.15 29.75 8.79
CA LYS C 312 15.28 30.69 7.70
C LYS C 312 14.00 30.90 6.92
N ALA C 313 13.06 29.95 6.98
CA ALA C 313 11.80 29.96 6.23
C ALA C 313 12.06 30.08 4.72
N ASP C 314 12.81 29.12 4.21
CA ASP C 314 12.96 28.94 2.78
C ASP C 314 12.67 27.49 2.46
N ARG C 315 12.40 27.20 1.20
CA ARG C 315 12.31 25.82 0.81
C ARG C 315 13.74 25.28 0.66
N ALA C 316 14.20 24.54 1.67
CA ALA C 316 15.54 24.00 1.61
C ALA C 316 15.60 22.76 0.72
N GLY C 317 14.48 22.05 0.60
CA GLY C 317 14.49 20.86 -0.23
C GLY C 317 13.09 20.57 -0.73
N VAL C 318 13.04 19.58 -1.62
CA VAL C 318 11.81 19.02 -2.17
C VAL C 318 12.04 17.52 -2.20
N LEU C 319 11.04 16.74 -1.86
CA LEU C 319 11.15 15.29 -2.01
C LEU C 319 10.05 14.86 -2.98
N ALA C 320 10.37 14.87 -4.26
CA ALA C 320 9.33 14.87 -5.27
C ALA C 320 9.12 13.51 -5.91
N GLY C 321 9.23 12.46 -5.12
CA GLY C 321 9.15 11.16 -5.72
C GLY C 321 7.77 10.55 -5.64
N HIS C 322 6.78 11.32 -5.21
CA HIS C 322 5.49 10.75 -4.90
C HIS C 322 4.49 11.05 -6.00
N ASP C 323 3.70 10.05 -6.35
CA ASP C 323 2.69 10.21 -7.38
C ASP C 323 1.56 11.10 -6.91
N ASN C 324 0.81 10.67 -5.91
CA ASN C 324 -0.29 11.39 -5.32
C ASN C 324 0.24 12.23 -4.16
N ARG C 325 -0.67 12.72 -3.32
CA ARG C 325 -0.27 13.69 -2.30
C ARG C 325 0.35 13.03 -1.07
N VAL C 326 1.32 13.71 -0.47
CA VAL C 326 2.01 13.19 0.71
C VAL C 326 1.15 13.39 1.93
N SER C 327 0.63 12.30 2.50
CA SER C 327 -0.31 12.36 3.60
C SER C 327 0.34 12.22 4.97
N CYS C 328 1.49 11.57 5.05
CA CYS C 328 2.18 11.41 6.32
C CYS C 328 3.67 11.45 6.10
N LEU C 329 4.41 11.81 7.13
CA LEU C 329 5.85 11.72 7.16
C LEU C 329 6.36 11.77 8.59
N GLY C 330 7.38 10.96 8.89
CA GLY C 330 8.01 10.98 10.19
C GLY C 330 9.51 10.80 10.11
N VAL C 331 10.21 11.54 10.96
CA VAL C 331 11.66 11.50 11.03
C VAL C 331 12.05 10.72 12.27
N THR C 332 13.17 10.00 12.21
CA THR C 332 13.58 9.04 13.24
C THR C 332 13.96 9.75 14.54
N ASP C 333 14.30 8.94 15.54
CA ASP C 333 14.75 9.51 16.81
C ASP C 333 16.18 10.02 16.70
N ASP C 334 17.01 9.40 15.87
CA ASP C 334 18.39 9.87 15.76
C ASP C 334 18.63 10.72 14.53
N GLY C 335 17.65 10.86 13.64
CA GLY C 335 17.81 11.69 12.47
C GLY C 335 18.30 10.97 11.25
N MET C 336 18.22 9.65 11.24
CA MET C 336 18.88 8.88 10.20
C MET C 336 18.03 8.79 8.94
N ALA C 337 16.72 8.85 9.08
CA ALA C 337 15.84 8.66 7.94
C ALA C 337 14.67 9.63 7.99
N VAL C 338 13.82 9.56 6.96
CA VAL C 338 12.46 10.08 6.97
C VAL C 338 11.64 9.29 5.97
N ALA C 339 10.60 8.64 6.44
CA ALA C 339 9.69 7.98 5.53
C ALA C 339 8.66 9.02 5.16
N THR C 340 8.08 8.88 3.98
CA THR C 340 6.88 9.59 3.59
C THR C 340 5.94 8.60 2.95
N GLY C 341 4.82 8.35 3.57
CA GLY C 341 3.79 7.63 2.87
C GLY C 341 3.00 8.64 2.08
N SER C 342 2.16 8.20 1.18
CA SER C 342 1.36 9.11 0.38
C SER C 342 0.17 8.34 -0.18
N TRP C 343 -0.65 9.02 -0.96
CA TRP C 343 -1.89 8.41 -1.41
C TRP C 343 -1.69 7.45 -2.57
N ASP C 344 -0.45 7.17 -2.98
CA ASP C 344 -0.16 6.22 -4.04
C ASP C 344 0.47 4.95 -3.55
N SER C 345 0.40 4.67 -2.24
CA SER C 345 0.62 3.35 -1.62
C SER C 345 2.09 2.98 -1.45
N PHE C 346 3.00 3.95 -1.42
CA PHE C 346 4.41 3.63 -1.22
C PHE C 346 4.93 4.41 -0.04
N LEU C 347 5.94 3.88 0.64
CA LEU C 347 6.70 4.72 1.55
C LEU C 347 8.10 4.89 1.00
N LYS C 348 8.36 6.12 0.58
CA LYS C 348 9.69 6.51 0.18
C LYS C 348 10.52 6.78 1.42
N ILE C 349 11.50 5.95 1.72
CA ILE C 349 12.40 6.23 2.84
C ILE C 349 13.59 6.99 2.32
N TRP C 350 13.73 8.22 2.75
CA TRP C 350 14.74 9.11 2.25
C TRP C 350 15.94 9.09 3.15
N ASN C 351 17.09 9.49 2.61
CA ASN C 351 18.27 9.76 3.41
C ASN C 351 19.19 10.65 2.60
N GLY C 352 19.87 11.55 3.29
CA GLY C 352 20.85 12.39 2.62
C GLY C 352 22.13 11.62 2.32
N SER C 353 22.74 11.96 1.19
CA SER C 353 23.91 11.23 0.69
C SER C 353 25.12 12.15 0.68
N SER C 354 26.26 11.60 1.07
CA SER C 354 27.53 12.33 1.06
C SER C 354 28.12 12.37 -0.34
N THR D 6 -30.18 29.56 30.47
CA THR D 6 -29.00 29.62 31.32
C THR D 6 -27.87 28.77 30.75
N ALA D 7 -28.07 28.28 29.52
CA ALA D 7 -27.08 27.43 28.89
C ALA D 7 -25.94 28.24 28.30
N SER D 8 -26.24 29.41 27.73
CA SER D 8 -25.20 30.21 27.10
C SER D 8 -24.42 31.02 28.12
N ILE D 9 -24.95 31.17 29.34
CA ILE D 9 -24.20 31.86 30.38
C ILE D 9 -23.33 30.86 31.13
N ALA D 10 -23.67 29.58 31.08
CA ALA D 10 -22.83 28.57 31.71
C ALA D 10 -21.55 28.36 30.93
N GLN D 11 -21.61 28.43 29.59
CA GLN D 11 -20.40 28.38 28.79
C GLN D 11 -19.64 29.69 28.85
N ALA D 12 -20.34 30.78 29.17
CA ALA D 12 -19.70 32.09 29.13
C ALA D 12 -18.75 32.29 30.30
N ARG D 13 -19.19 31.96 31.52
CA ARG D 13 -18.27 31.99 32.65
C ARG D 13 -17.28 30.84 32.58
N LYS D 14 -17.62 29.79 31.82
CA LYS D 14 -16.62 28.80 31.43
C LYS D 14 -15.59 29.41 30.48
N LEU D 15 -16.03 30.36 29.66
CA LEU D 15 -15.12 31.01 28.72
C LEU D 15 -14.39 32.19 29.37
N VAL D 16 -15.04 32.85 30.34
CA VAL D 16 -14.44 34.05 30.93
C VAL D 16 -13.32 33.67 31.90
N GLU D 17 -13.58 32.73 32.82
CA GLU D 17 -12.61 32.45 33.87
C GLU D 17 -11.43 31.64 33.33
N GLN D 18 -11.63 30.92 32.22
CA GLN D 18 -10.56 30.11 31.63
C GLN D 18 -9.45 30.98 31.06
N LEU D 19 -9.80 32.06 30.36
CA LEU D 19 -8.77 32.88 29.74
C LEU D 19 -8.01 33.69 30.79
N LYS D 20 -8.65 33.93 31.93
CA LYS D 20 -7.95 34.52 33.07
C LYS D 20 -7.05 33.50 33.77
N MET D 21 -7.29 32.21 33.53
CA MET D 21 -6.31 31.21 33.94
C MET D 21 -5.17 31.13 32.95
N GLU D 22 -5.37 31.69 31.75
CA GLU D 22 -4.26 31.82 30.80
C GLU D 22 -3.70 33.24 30.81
N ALA D 23 -4.36 34.16 31.50
CA ALA D 23 -3.85 35.52 31.56
C ALA D 23 -2.71 35.66 32.55
N ASN D 24 -2.64 34.77 33.55
CA ASN D 24 -1.58 34.83 34.53
C ASN D 24 -0.27 34.22 34.03
N ILE D 25 -0.25 33.70 32.80
CA ILE D 25 0.93 33.06 32.24
C ILE D 25 2.04 34.08 32.09
N ASP D 26 3.16 33.85 32.77
CA ASP D 26 4.34 34.66 32.59
C ASP D 26 4.95 34.35 31.22
N ARG D 27 4.95 35.35 30.35
CA ARG D 27 5.51 35.16 29.02
C ARG D 27 6.80 35.94 28.91
N ILE D 28 7.79 35.35 28.24
CA ILE D 28 9.10 35.94 28.08
C ILE D 28 9.18 36.56 26.69
N LYS D 29 9.96 37.62 26.54
CA LYS D 29 10.09 38.35 25.29
C LYS D 29 10.81 37.49 24.24
N VAL D 30 10.51 37.75 22.97
CA VAL D 30 10.74 36.76 21.91
C VAL D 30 12.22 36.67 21.54
N SER D 31 12.96 37.78 21.60
CA SER D 31 14.39 37.70 21.30
C SER D 31 15.15 37.04 22.44
N LYS D 32 14.53 36.99 23.62
CA LYS D 32 15.02 36.09 24.67
C LYS D 32 14.49 34.68 24.46
N ALA D 33 13.25 34.56 23.94
CA ALA D 33 12.60 33.25 23.87
C ALA D 33 12.96 32.50 22.59
N ALA D 34 12.88 33.16 21.42
CA ALA D 34 13.12 32.45 20.16
C ALA D 34 14.61 32.21 19.94
N ALA D 35 15.48 32.96 20.63
CA ALA D 35 16.90 32.69 20.55
C ALA D 35 17.25 31.41 21.31
N ASP D 36 16.39 31.00 22.23
CA ASP D 36 16.57 29.70 22.87
C ASP D 36 16.13 28.56 21.96
N LEU D 37 15.36 28.88 20.91
CA LEU D 37 15.18 27.92 19.83
C LEU D 37 16.36 27.99 18.87
N MET D 38 17.00 29.15 18.77
CA MET D 38 18.24 29.26 18.00
C MET D 38 19.39 28.56 18.70
N ALA D 39 19.42 28.64 20.03
CA ALA D 39 20.53 28.08 20.77
C ALA D 39 20.42 26.56 20.89
N TYR D 40 19.27 26.00 20.51
CA TYR D 40 19.10 24.55 20.61
C TYR D 40 19.93 23.84 19.55
N CYS D 41 19.95 24.36 18.32
CA CYS D 41 20.54 23.65 17.20
C CYS D 41 22.06 23.63 17.30
N GLU D 42 22.64 24.60 17.99
CA GLU D 42 24.09 24.69 18.07
C GLU D 42 24.69 23.55 18.87
N ALA D 43 23.90 22.96 19.77
CA ALA D 43 24.37 21.77 20.48
C ALA D 43 23.98 20.50 19.75
N HIS D 44 23.16 20.60 18.71
CA HIS D 44 22.69 19.44 17.98
C HIS D 44 22.85 19.57 16.47
N ALA D 45 23.74 20.46 16.01
CA ALA D 45 23.92 20.64 14.57
C ALA D 45 24.68 19.47 13.96
N LYS D 46 25.71 18.98 14.63
CA LYS D 46 26.55 17.94 14.06
C LYS D 46 25.87 16.58 14.16
N GLU D 47 24.94 16.42 15.10
CA GLU D 47 24.39 15.10 15.35
C GLU D 47 23.12 14.86 14.54
N ASP D 48 22.76 15.77 13.64
CA ASP D 48 21.59 15.56 12.77
C ASP D 48 22.02 15.09 11.39
N PRO D 49 21.76 13.84 11.01
CA PRO D 49 22.31 13.31 9.76
C PRO D 49 21.66 13.84 8.50
N LEU D 50 20.39 14.26 8.53
CA LEU D 50 19.82 14.85 7.34
C LEU D 50 20.33 16.26 7.13
N LEU D 51 20.85 16.87 8.19
CA LEU D 51 21.42 18.20 8.08
C LEU D 51 22.85 18.13 7.53
N THR D 52 23.73 17.40 8.24
CA THR D 52 25.14 17.31 7.88
C THR D 52 25.42 15.91 7.38
N PRO D 53 26.25 15.74 6.33
CA PRO D 53 26.34 14.44 5.64
C PRO D 53 26.94 13.34 6.50
N VAL D 54 26.21 12.24 6.60
CA VAL D 54 26.62 11.04 7.32
C VAL D 54 27.82 10.43 6.62
N PRO D 55 28.79 9.86 7.34
CA PRO D 55 29.75 8.96 6.69
C PRO D 55 29.03 7.72 6.17
N ALA D 56 29.22 7.48 4.87
CA ALA D 56 28.34 6.58 4.14
C ALA D 56 28.53 5.11 4.52
N SER D 57 29.63 4.78 5.18
CA SER D 57 29.83 3.39 5.57
C SER D 57 28.96 3.02 6.78
N GLU D 58 29.01 3.83 7.84
CA GLU D 58 28.22 3.53 9.03
C GLU D 58 26.76 3.91 8.85
N ASN D 59 26.43 4.59 7.75
CA ASN D 59 25.05 4.85 7.37
C ASN D 59 24.32 3.54 7.15
N PRO D 60 23.18 3.31 7.82
CA PRO D 60 22.46 2.05 7.63
C PRO D 60 21.72 2.00 6.33
N PHE D 61 21.50 3.13 5.68
CA PHE D 61 20.77 3.19 4.43
C PHE D 61 21.76 3.32 3.28
N ARG D 62 22.34 2.19 2.88
CA ARG D 62 23.21 2.10 1.71
C ARG D 62 22.50 1.29 0.65
N GLU D 63 22.45 1.81 -0.57
CA GLU D 63 21.61 1.23 -1.60
C GLU D 63 22.42 0.38 -2.56
N ASP E 38 0.95 -22.03 28.80
CA ASP E 38 0.38 -21.55 27.55
C ASP E 38 0.78 -22.46 26.38
N VAL E 39 2.03 -22.30 25.92
CA VAL E 39 2.57 -23.06 24.80
C VAL E 39 2.78 -24.50 25.21
N GLN E 40 2.53 -25.43 24.30
CA GLN E 40 2.76 -26.84 24.58
C GLN E 40 3.11 -27.58 23.30
N LEU E 41 4.24 -28.27 23.30
CA LEU E 41 4.70 -29.07 22.18
C LEU E 41 4.97 -30.49 22.65
N VAL E 42 3.99 -31.38 22.52
CA VAL E 42 4.13 -32.74 23.00
C VAL E 42 4.24 -33.71 21.81
N GLU E 43 5.37 -34.41 21.74
CA GLU E 43 5.67 -35.31 20.63
C GLU E 43 5.60 -36.75 21.11
N SER E 44 5.64 -37.67 20.15
CA SER E 44 5.39 -39.08 20.44
C SER E 44 5.98 -39.95 19.34
N GLY E 45 5.76 -41.26 19.48
CA GLY E 45 6.11 -42.21 18.45
C GLY E 45 7.47 -42.85 18.61
N GLY E 46 7.50 -44.15 18.89
CA GLY E 46 8.72 -44.89 18.97
C GLY E 46 8.82 -45.61 20.29
N GLY E 47 10.04 -46.09 20.59
CA GLY E 47 10.34 -46.74 21.86
C GLY E 47 11.23 -47.96 21.72
N LEU E 48 11.08 -48.74 20.63
CA LEU E 48 12.02 -49.78 20.25
C LEU E 48 11.74 -50.12 18.78
N VAL E 49 12.70 -49.78 17.91
CA VAL E 49 12.67 -50.21 16.52
C VAL E 49 14.02 -50.81 16.17
N GLN E 50 13.99 -52.00 15.56
CA GLN E 50 15.19 -52.73 15.18
C GLN E 50 16.04 -51.96 14.17
N PRO E 51 17.34 -52.25 14.10
CA PRO E 51 18.16 -51.70 13.02
C PRO E 51 17.72 -52.26 11.68
N GLY E 52 17.76 -51.40 10.66
CA GLY E 52 17.15 -51.71 9.38
C GLY E 52 15.69 -51.40 9.31
N GLY E 53 15.04 -51.06 10.44
CA GLY E 53 13.66 -50.68 10.45
C GLY E 53 13.48 -49.18 10.28
N SER E 54 12.24 -48.74 10.45
CA SER E 54 11.86 -47.35 10.22
C SER E 54 10.76 -46.97 11.20
N ARG E 55 10.84 -45.74 11.73
CA ARG E 55 9.87 -45.24 12.70
C ARG E 55 9.55 -43.78 12.38
N LYS E 56 8.26 -43.44 12.45
CA LYS E 56 7.78 -42.10 12.17
C LYS E 56 7.58 -41.35 13.48
N LEU E 57 8.11 -40.14 13.57
CA LEU E 57 7.89 -39.28 14.72
C LEU E 57 6.85 -38.23 14.36
N SER E 58 6.07 -37.81 15.35
CA SER E 58 5.12 -36.73 15.20
C SER E 58 5.18 -35.83 16.42
N CYS E 59 5.19 -34.52 16.21
CA CYS E 59 5.19 -33.52 17.27
C CYS E 59 3.91 -32.72 17.17
N SER E 60 3.04 -32.87 18.16
CA SER E 60 1.74 -32.22 18.17
C SER E 60 1.84 -30.90 18.92
N ALA E 61 1.55 -29.81 18.23
CA ALA E 61 1.69 -28.47 18.78
C ALA E 61 0.32 -27.95 19.19
N SER E 62 0.30 -27.09 20.21
CA SER E 62 -0.92 -26.51 20.72
C SER E 62 -0.59 -25.24 21.49
N GLY E 63 -1.46 -24.26 21.40
CA GLY E 63 -1.35 -23.07 22.20
C GLY E 63 -0.63 -21.91 21.55
N PHE E 64 -0.23 -22.03 20.30
CA PHE E 64 0.49 -20.95 19.64
C PHE E 64 0.24 -21.01 18.14
N ALA E 65 0.59 -19.92 17.47
CA ALA E 65 0.37 -19.74 16.04
C ALA E 65 1.40 -20.55 15.26
N PHE E 66 1.12 -21.85 15.10
CA PHE E 66 2.09 -22.82 14.64
C PHE E 66 2.59 -22.54 13.23
N SER E 67 1.76 -21.94 12.39
CA SER E 67 2.17 -21.71 11.01
C SER E 67 3.03 -20.46 10.87
N SER E 68 3.35 -19.79 11.96
CA SER E 68 4.29 -18.67 11.84
C SER E 68 5.70 -19.09 12.21
N PHE E 69 5.84 -20.25 12.84
CA PHE E 69 7.09 -20.65 13.44
C PHE E 69 7.85 -21.61 12.54
N GLY E 70 9.17 -21.49 12.55
CA GLY E 70 9.99 -22.51 11.95
C GLY E 70 10.17 -23.60 12.97
N MET E 71 10.06 -24.85 12.56
CA MET E 71 10.27 -25.96 13.48
C MET E 71 11.66 -26.54 13.32
N HIS E 72 12.10 -27.29 14.31
CA HIS E 72 13.32 -28.07 14.22
C HIS E 72 13.06 -29.42 14.85
N TRP E 73 14.06 -30.29 14.78
CA TRP E 73 14.19 -31.41 15.68
C TRP E 73 15.61 -31.37 16.20
N VAL E 74 15.80 -31.63 17.48
CA VAL E 74 17.12 -31.73 18.07
C VAL E 74 17.12 -33.00 18.92
N ARG E 75 18.11 -33.86 18.69
CA ARG E 75 18.21 -35.11 19.40
C ARG E 75 19.33 -35.03 20.43
N GLN E 76 19.35 -36.01 21.34
CA GLN E 76 20.29 -36.05 22.45
C GLN E 76 20.53 -37.51 22.80
N ALA E 77 21.76 -37.97 22.60
CA ALA E 77 22.11 -39.35 22.90
C ALA E 77 22.11 -39.57 24.42
N PRO E 78 21.97 -40.83 24.86
CA PRO E 78 22.14 -41.13 26.29
C PRO E 78 23.53 -40.75 26.78
N GLU E 79 23.55 -40.08 27.95
CA GLU E 79 24.72 -39.50 28.65
C GLU E 79 25.65 -38.69 27.74
N LYS E 80 25.11 -38.14 26.66
CA LYS E 80 25.88 -37.34 25.73
C LYS E 80 25.13 -36.05 25.44
N GLY E 81 25.61 -35.31 24.45
CA GLY E 81 25.13 -33.97 24.21
C GLY E 81 24.05 -33.86 23.14
N LEU E 82 23.68 -32.62 22.87
CA LEU E 82 22.65 -32.27 21.91
C LEU E 82 23.24 -32.25 20.51
N GLU E 83 22.44 -32.59 19.50
CA GLU E 83 22.84 -32.47 18.11
C GLU E 83 21.62 -32.34 17.19
N TRP E 84 21.75 -31.45 16.21
CA TRP E 84 20.62 -30.99 15.41
C TRP E 84 20.26 -31.99 14.33
N VAL E 85 18.96 -32.07 13.98
CA VAL E 85 18.49 -33.07 13.04
C VAL E 85 17.96 -32.46 11.74
N ALA E 86 17.04 -31.51 11.83
CA ALA E 86 16.36 -31.05 10.62
C ALA E 86 15.82 -29.64 10.83
N TYR E 87 14.95 -29.24 9.91
CA TYR E 87 14.38 -27.89 9.85
C TYR E 87 13.26 -27.87 8.82
N ILE E 88 12.19 -27.12 9.10
CA ILE E 88 11.25 -26.66 8.09
C ILE E 88 10.94 -25.21 8.38
N SER E 89 11.11 -24.34 7.40
CA SER E 89 10.83 -22.93 7.62
C SER E 89 9.33 -22.68 7.66
N SER E 90 8.96 -21.44 7.96
CA SER E 90 7.54 -21.09 8.07
C SER E 90 6.86 -21.09 6.72
N GLY E 91 5.95 -22.04 6.52
CA GLY E 91 5.32 -22.19 5.23
C GLY E 91 6.00 -23.18 4.31
N SER E 92 6.80 -24.09 4.85
CA SER E 92 7.41 -25.22 4.14
C SER E 92 8.34 -24.79 3.00
N GLY E 93 8.89 -23.59 3.08
CA GLY E 93 9.72 -23.11 1.99
C GLY E 93 11.12 -23.70 1.95
N THR E 94 11.76 -23.80 3.10
CA THR E 94 13.15 -24.22 3.21
C THR E 94 13.21 -25.42 4.12
N ILE E 95 13.98 -26.43 3.73
CA ILE E 95 14.16 -27.65 4.51
C ILE E 95 15.63 -27.98 4.51
N TYR E 96 16.25 -28.02 5.68
CA TYR E 96 17.63 -28.42 5.83
C TYR E 96 17.71 -29.70 6.63
N TYR E 97 18.77 -30.47 6.43
CA TYR E 97 18.97 -31.70 7.17
C TYR E 97 20.36 -31.74 7.75
N ALA E 98 20.57 -32.73 8.61
CA ALA E 98 21.90 -33.01 9.14
C ALA E 98 22.58 -34.03 8.27
N ASP E 99 23.91 -33.94 8.22
CA ASP E 99 24.68 -34.74 7.28
C ASP E 99 24.76 -36.19 7.71
N THR E 100 24.50 -36.48 8.98
CA THR E 100 24.45 -37.86 9.44
C THR E 100 23.17 -38.54 8.97
N VAL E 101 22.11 -37.78 8.73
CA VAL E 101 20.80 -38.35 8.46
C VAL E 101 20.28 -37.95 7.08
N LYS E 102 21.09 -37.23 6.30
CA LYS E 102 20.63 -36.62 5.05
C LYS E 102 20.24 -37.67 4.04
N GLY E 103 18.97 -37.72 3.70
CA GLY E 103 18.43 -38.75 2.85
C GLY E 103 17.79 -39.90 3.59
N ARG E 104 18.28 -40.24 4.78
CA ARG E 104 17.61 -41.23 5.61
C ARG E 104 16.39 -40.68 6.31
N PHE E 105 16.41 -39.40 6.68
CA PHE E 105 15.36 -38.78 7.45
C PHE E 105 14.55 -37.88 6.54
N THR E 106 13.28 -37.66 6.88
CA THR E 106 12.50 -36.64 6.21
C THR E 106 11.56 -35.97 7.20
N ILE E 107 11.30 -34.68 6.98
CA ILE E 107 10.58 -33.84 7.92
C ILE E 107 9.37 -33.24 7.20
N SER E 108 8.23 -33.21 7.88
CA SER E 108 6.97 -32.81 7.26
C SER E 108 6.11 -32.08 8.28
N ARG E 109 5.51 -30.96 7.87
CA ARG E 109 4.64 -30.21 8.76
C ARG E 109 3.24 -30.16 8.19
N ASP E 110 2.26 -29.96 9.08
CA ASP E 110 0.84 -29.99 8.75
C ASP E 110 0.17 -28.83 9.47
N ASP E 111 0.10 -27.67 8.79
CA ASP E 111 -0.37 -26.44 9.42
C ASP E 111 -1.87 -26.39 9.78
N PRO E 112 -2.80 -26.99 9.02
CA PRO E 112 -4.18 -27.06 9.57
C PRO E 112 -4.31 -27.97 10.78
N LYS E 113 -3.53 -29.04 10.87
CA LYS E 113 -3.63 -29.91 12.03
C LYS E 113 -2.71 -29.53 13.16
N ASN E 114 -1.77 -28.59 12.93
CA ASN E 114 -0.76 -28.17 13.90
C ASN E 114 0.06 -29.34 14.42
N THR E 115 0.74 -30.04 13.51
CA THR E 115 1.48 -31.24 13.86
C THR E 115 2.71 -31.34 12.97
N LEU E 116 3.88 -31.48 13.60
CA LEU E 116 5.15 -31.64 12.91
C LEU E 116 5.52 -33.11 12.88
N PHE E 117 5.92 -33.61 11.71
CA PHE E 117 6.32 -35.00 11.54
C PHE E 117 7.82 -35.11 11.39
N LEU E 118 8.32 -36.33 11.52
CA LEU E 118 9.65 -36.72 11.08
C LEU E 118 9.59 -38.22 10.79
N GLN E 119 9.96 -38.61 9.58
CA GLN E 119 10.00 -40.02 9.22
C GLN E 119 11.45 -40.44 9.01
N MET E 120 11.84 -41.51 9.69
CA MET E 120 13.23 -41.92 9.77
C MET E 120 13.34 -43.33 9.20
N THR E 121 14.32 -43.54 8.32
CA THR E 121 14.48 -44.79 7.60
C THR E 121 15.84 -45.43 7.87
N SER E 122 15.82 -46.77 7.94
CA SER E 122 17.00 -47.64 8.02
C SER E 122 17.86 -47.29 9.24
N LEU E 123 17.28 -47.49 10.42
CA LEU E 123 17.81 -46.90 11.64
C LEU E 123 19.12 -47.56 12.05
N ARG E 124 20.10 -46.72 12.35
CA ARG E 124 21.40 -47.16 12.82
C ARG E 124 21.42 -47.14 14.35
N SER E 125 22.46 -47.72 14.93
CA SER E 125 22.63 -47.64 16.38
C SER E 125 23.06 -46.25 16.80
N GLU E 126 23.62 -45.47 15.88
CA GLU E 126 23.93 -44.07 16.15
C GLU E 126 22.66 -43.23 16.26
N ASP E 127 21.53 -43.73 15.75
CA ASP E 127 20.24 -43.07 15.86
C ASP E 127 19.54 -43.34 17.18
N THR E 128 20.27 -43.66 18.24
CA THR E 128 19.68 -43.88 19.56
C THR E 128 19.81 -42.60 20.36
N ALA E 129 18.70 -41.89 20.52
CA ALA E 129 18.71 -40.58 21.17
C ALA E 129 17.30 -40.25 21.62
N MET E 130 17.20 -39.23 22.47
CA MET E 130 15.93 -38.64 22.85
C MET E 130 15.70 -37.43 21.96
N TYR E 131 14.54 -37.40 21.30
CA TYR E 131 14.28 -36.40 20.27
C TYR E 131 13.40 -35.28 20.81
N TYR E 132 13.79 -34.04 20.54
CA TYR E 132 13.09 -32.87 21.05
C TYR E 132 12.52 -32.06 19.89
N CYS E 133 11.29 -31.59 20.06
CA CYS E 133 10.60 -30.77 19.07
C CYS E 133 10.74 -29.32 19.49
N VAL E 134 11.40 -28.52 18.67
CA VAL E 134 11.75 -27.15 19.04
C VAL E 134 11.11 -26.21 18.05
N ARG E 135 10.52 -25.14 18.53
CA ARG E 135 9.95 -24.10 17.69
C ARG E 135 10.93 -22.95 17.61
N SER E 136 10.70 -22.05 16.67
CA SER E 136 11.61 -20.96 16.36
C SER E 136 10.96 -20.01 15.38
N ILE E 137 11.17 -18.71 15.54
CA ILE E 137 10.58 -17.74 14.62
C ILE E 137 11.62 -16.68 14.29
N TYR E 138 11.65 -16.30 13.03
CA TYR E 138 12.66 -15.39 12.53
C TYR E 138 11.99 -14.20 11.87
N TYR E 139 11.97 -13.07 12.58
CA TYR E 139 11.76 -11.76 12.01
C TYR E 139 12.75 -10.87 12.70
N TYR E 140 12.62 -9.56 12.51
CA TYR E 140 13.55 -8.67 13.17
C TYR E 140 13.25 -8.65 14.66
N GLY E 141 14.19 -9.17 15.46
CA GLY E 141 14.12 -9.01 16.88
C GLY E 141 13.56 -10.19 17.62
N SER E 142 13.18 -11.24 16.93
CA SER E 142 12.61 -12.39 17.60
C SER E 142 13.67 -13.17 18.35
N SER E 143 13.21 -14.04 19.24
CA SER E 143 14.07 -14.94 19.99
C SER E 143 13.76 -16.34 19.52
N PRO E 144 14.54 -16.89 18.61
CA PRO E 144 14.32 -18.27 18.17
C PRO E 144 14.75 -19.25 19.24
N PHE E 145 14.36 -20.51 19.03
CA PHE E 145 14.71 -21.65 19.87
C PHE E 145 14.26 -21.49 21.32
N ASP E 146 13.18 -20.76 21.58
CA ASP E 146 12.83 -20.54 22.97
C ASP E 146 12.08 -21.72 23.55
N PHE E 147 11.00 -22.14 22.94
CA PHE E 147 10.22 -23.23 23.49
C PHE E 147 10.69 -24.55 22.90
N TRP E 148 11.03 -25.48 23.79
CA TRP E 148 11.42 -26.82 23.41
C TRP E 148 10.36 -27.77 23.88
N GLY E 149 10.20 -28.88 23.17
CA GLY E 149 9.25 -29.89 23.59
C GLY E 149 9.73 -30.68 24.78
N GLN E 150 8.86 -31.57 25.25
CA GLN E 150 9.18 -32.35 26.44
C GLN E 150 10.12 -33.49 26.10
N GLY E 151 10.08 -33.97 24.86
CA GLY E 151 11.03 -34.97 24.41
C GLY E 151 10.45 -36.34 24.22
N THR E 152 10.99 -37.08 23.26
CA THR E 152 10.65 -38.47 23.03
C THR E 152 11.92 -39.29 22.86
N THR E 153 12.03 -40.37 23.63
CA THR E 153 13.16 -41.28 23.53
C THR E 153 12.91 -42.23 22.36
N LEU E 154 13.98 -42.59 21.66
CA LEU E 154 13.96 -43.65 20.67
C LEU E 154 15.25 -44.45 20.81
N THR E 155 15.13 -45.70 21.20
CA THR E 155 16.27 -46.60 21.27
C THR E 155 16.10 -47.73 20.28
N VAL E 156 17.24 -48.25 19.82
CA VAL E 156 17.29 -49.43 18.96
C VAL E 156 17.99 -50.54 19.74
N SER E 157 17.90 -51.75 19.23
CA SER E 157 18.57 -52.88 19.84
C SER E 157 19.81 -53.26 19.03
N SER E 158 20.69 -54.01 19.68
CA SER E 158 21.88 -54.52 19.02
C SER E 158 21.90 -56.04 19.12
N SER E 174 34.45 -29.01 7.98
CA SER E 174 33.68 -28.25 7.01
C SER E 174 32.74 -27.27 7.70
N ASP E 175 32.10 -27.76 8.76
CA ASP E 175 31.14 -26.97 9.52
C ASP E 175 31.71 -26.67 10.89
N ILE E 176 31.10 -25.70 11.57
CA ILE E 176 31.64 -25.17 12.82
C ILE E 176 31.39 -26.21 13.91
N VAL E 177 32.38 -26.42 14.77
CA VAL E 177 32.15 -27.15 16.01
C VAL E 177 32.23 -26.14 17.16
N MET E 178 31.43 -26.35 18.20
CA MET E 178 31.50 -25.55 19.40
C MET E 178 32.20 -26.38 20.46
N THR E 179 33.17 -25.79 21.14
CA THR E 179 33.99 -26.51 22.10
C THR E 179 33.80 -25.96 23.50
N GLN E 180 33.21 -26.79 24.35
CA GLN E 180 33.20 -26.56 25.79
C GLN E 180 34.15 -27.55 26.42
N ALA E 181 35.37 -27.09 26.70
CA ALA E 181 36.39 -27.96 27.26
C ALA E 181 36.02 -28.40 28.67
N THR E 182 35.33 -27.53 29.39
CA THR E 182 34.85 -27.81 30.74
C THR E 182 33.72 -28.83 30.67
N SER E 183 33.74 -29.78 31.58
CA SER E 183 32.74 -30.84 31.63
C SER E 183 32.12 -31.03 32.99
N SER E 184 32.67 -30.41 34.04
CA SER E 184 32.16 -30.56 35.39
C SER E 184 32.62 -29.37 36.22
N VAL E 185 31.67 -28.72 36.89
CA VAL E 185 31.97 -27.65 37.84
C VAL E 185 31.17 -27.92 39.11
N PRO E 186 31.77 -28.50 40.16
CA PRO E 186 31.09 -28.58 41.46
C PRO E 186 31.29 -27.29 42.26
N VAL E 187 30.19 -26.60 42.53
CA VAL E 187 30.21 -25.38 43.32
C VAL E 187 29.03 -25.37 44.29
N THR E 188 28.99 -24.34 45.11
CA THR E 188 28.07 -23.86 46.12
C THR E 188 27.26 -22.66 45.60
N PRO E 189 26.02 -22.49 46.06
CA PRO E 189 25.22 -21.35 45.60
C PRO E 189 25.71 -20.04 46.18
N GLY E 190 25.20 -18.94 45.61
CA GLY E 190 25.46 -17.61 46.11
C GLY E 190 26.59 -16.86 45.44
N GLU E 191 27.39 -17.52 44.60
CA GLU E 191 28.57 -16.91 44.00
C GLU E 191 28.49 -16.99 42.48
N SER E 192 29.32 -16.20 41.81
CA SER E 192 29.24 -16.05 40.37
C SER E 192 29.97 -17.18 39.66
N VAL E 193 29.37 -17.69 38.59
CA VAL E 193 29.95 -18.74 37.76
C VAL E 193 29.85 -18.29 36.30
N SER E 194 30.98 -18.34 35.60
CA SER E 194 31.00 -17.99 34.18
C SER E 194 31.25 -19.26 33.37
N ILE E 195 30.31 -19.58 32.49
CA ILE E 195 30.48 -20.68 31.54
C ILE E 195 30.95 -20.07 30.23
N SER E 196 31.95 -20.69 29.62
CA SER E 196 32.48 -20.18 28.36
C SER E 196 32.68 -21.31 27.35
N CYS E 197 32.40 -21.00 26.09
CA CYS E 197 32.66 -21.97 25.02
C CYS E 197 33.27 -21.23 23.85
N ARG E 198 33.88 -21.97 22.93
CA ARG E 198 34.68 -21.40 21.86
C ARG E 198 34.10 -21.80 20.51
N SER E 199 34.36 -20.98 19.50
CA SER E 199 33.86 -21.19 18.15
C SER E 199 35.01 -21.34 17.16
N SER E 200 34.74 -22.05 16.06
CA SER E 200 35.72 -22.10 14.98
C SER E 200 35.74 -20.80 14.20
N LYS E 201 34.57 -20.29 13.84
CA LYS E 201 34.47 -19.07 13.04
C LYS E 201 34.19 -17.88 13.94
N SER E 202 34.39 -16.68 13.40
CA SER E 202 33.89 -15.48 14.04
C SER E 202 32.38 -15.43 13.83
N LEU E 203 31.62 -15.49 14.92
CA LEU E 203 30.17 -15.53 14.79
C LEU E 203 29.57 -14.17 14.48
N LEU E 204 30.31 -13.09 14.69
CA LEU E 204 29.81 -11.76 14.37
C LEU E 204 29.63 -11.64 12.86
N HIS E 205 28.39 -11.52 12.44
CA HIS E 205 28.02 -11.35 11.05
C HIS E 205 28.04 -9.87 10.68
N SER E 206 28.02 -9.60 9.38
CA SER E 206 28.20 -8.24 8.88
C SER E 206 26.96 -7.38 9.11
N ASN E 207 25.80 -7.98 9.33
CA ASN E 207 24.63 -7.18 9.68
C ASN E 207 24.73 -6.66 11.11
N GLY E 208 25.35 -7.42 12.00
CA GLY E 208 25.65 -6.91 13.32
C GLY E 208 25.54 -7.88 14.47
N ASN E 209 24.81 -8.98 14.28
CA ASN E 209 24.49 -9.85 15.40
C ASN E 209 25.32 -11.12 15.35
N THR E 210 25.49 -11.76 16.51
CA THR E 210 26.37 -12.90 16.67
C THR E 210 25.57 -14.10 17.15
N TYR E 211 25.44 -15.11 16.30
CA TYR E 211 24.51 -16.20 16.54
C TYR E 211 25.15 -17.28 17.41
N LEU E 212 25.09 -17.08 18.72
CA LEU E 212 25.30 -18.17 19.66
C LEU E 212 24.11 -18.26 20.61
N TYR E 213 23.68 -19.48 20.86
CA TYR E 213 22.44 -19.73 21.60
C TYR E 213 22.74 -20.60 22.81
N TRP E 214 22.69 -20.00 24.00
CA TRP E 214 22.90 -20.71 25.25
C TRP E 214 21.63 -21.46 25.62
N PHE E 215 21.77 -22.54 26.36
CA PHE E 215 20.63 -23.33 26.83
C PHE E 215 20.93 -23.92 28.19
N LEU E 216 19.92 -24.48 28.84
CA LEU E 216 20.07 -25.12 30.14
C LEU E 216 19.16 -26.32 30.20
N GLN E 217 19.72 -27.50 30.42
CA GLN E 217 18.91 -28.70 30.59
C GLN E 217 19.05 -29.19 32.02
N ARG E 218 18.04 -28.90 32.83
CA ARG E 218 17.92 -29.41 34.19
C ARG E 218 17.77 -30.93 34.15
N PRO E 219 18.19 -31.62 35.22
CA PRO E 219 18.11 -33.09 35.23
C PRO E 219 16.67 -33.58 35.20
N GLY E 220 16.41 -34.51 34.28
CA GLY E 220 15.07 -34.99 34.04
C GLY E 220 14.17 -34.04 33.30
N GLN E 221 14.72 -33.04 32.61
CA GLN E 221 13.94 -31.98 32.00
C GLN E 221 14.31 -31.80 30.54
N SER E 222 13.80 -30.71 29.97
CA SER E 222 13.96 -30.25 28.61
C SER E 222 14.78 -28.97 28.61
N PRO E 223 15.54 -28.70 27.55
CA PRO E 223 16.34 -27.47 27.52
C PRO E 223 15.47 -26.24 27.39
N GLN E 224 16.07 -25.10 27.69
CA GLN E 224 15.31 -23.86 27.65
C GLN E 224 16.26 -22.73 27.33
N LEU E 225 15.75 -21.70 26.70
CA LEU E 225 16.61 -20.70 26.12
C LEU E 225 16.97 -19.66 27.16
N LEU E 226 18.25 -19.59 27.48
CA LEU E 226 18.71 -18.58 28.41
C LEU E 226 19.06 -17.32 27.64
N ILE E 227 20.03 -17.43 26.75
CA ILE E 227 20.58 -16.25 26.09
C ILE E 227 20.62 -16.54 24.60
N TYR E 228 19.71 -15.94 23.85
CA TYR E 228 19.66 -16.04 22.41
C TYR E 228 20.53 -14.97 21.79
N ARG E 229 21.27 -15.36 20.76
CA ARG E 229 22.20 -14.50 20.01
C ARG E 229 23.26 -13.87 20.91
N MET E 230 23.73 -14.65 21.89
CA MET E 230 24.94 -14.42 22.70
C MET E 230 24.83 -13.27 23.69
N SER E 231 23.82 -12.44 23.58
CA SER E 231 23.75 -11.29 24.47
C SER E 231 22.39 -11.12 25.15
N ASN E 232 21.29 -11.39 24.45
CA ASN E 232 19.97 -11.01 24.91
C ASN E 232 19.30 -12.13 25.70
N LEU E 233 18.55 -11.74 26.73
CA LEU E 233 17.88 -12.67 27.63
C LEU E 233 16.49 -13.02 27.12
N ALA E 234 16.09 -14.28 27.27
CA ALA E 234 14.82 -14.72 26.73
C ALA E 234 13.69 -14.50 27.71
N SER E 235 12.57 -15.19 27.45
CA SER E 235 11.31 -14.97 28.14
C SER E 235 11.12 -16.03 29.21
N GLY E 236 10.96 -15.61 30.46
CA GLY E 236 10.83 -16.51 31.58
C GLY E 236 12.12 -16.70 32.36
N VAL E 237 13.24 -16.26 31.81
CA VAL E 237 14.53 -16.41 32.46
C VAL E 237 14.62 -15.32 33.52
N PRO E 238 15.30 -15.56 34.65
CA PRO E 238 15.63 -14.47 35.56
C PRO E 238 16.73 -13.59 34.99
N ASP E 239 16.96 -12.46 35.66
CA ASP E 239 17.90 -11.46 35.19
C ASP E 239 19.34 -11.78 35.62
N ARG E 240 19.52 -12.78 36.49
CA ARG E 240 20.84 -13.15 36.98
C ARG E 240 21.76 -13.68 35.88
N PHE E 241 21.21 -14.42 34.92
CA PHE E 241 21.97 -14.93 33.79
C PHE E 241 22.33 -13.78 32.86
N SER E 242 23.48 -13.88 32.21
CA SER E 242 23.89 -12.91 31.21
C SER E 242 24.95 -13.53 30.32
N GLY E 243 25.00 -13.10 29.06
CA GLY E 243 26.00 -13.57 28.12
C GLY E 243 26.73 -12.40 27.50
N SER E 244 27.95 -12.65 27.06
CA SER E 244 28.77 -11.62 26.43
C SER E 244 29.82 -12.32 25.58
N GLY E 245 30.83 -11.56 25.20
CA GLY E 245 31.90 -12.06 24.35
C GLY E 245 32.07 -11.18 23.12
N SER E 246 32.97 -11.62 22.25
CA SER E 246 33.21 -10.94 20.98
C SER E 246 33.85 -11.91 20.02
N GLY E 247 33.20 -12.13 18.88
CA GLY E 247 33.82 -12.80 17.77
C GLY E 247 33.87 -14.31 17.91
N THR E 248 34.79 -14.80 18.74
CA THR E 248 35.03 -16.24 18.83
C THR E 248 34.98 -16.75 20.26
N ALA E 249 35.25 -15.89 21.24
CA ALA E 249 35.22 -16.30 22.65
C ALA E 249 34.06 -15.57 23.31
N PHE E 250 33.23 -16.34 23.99
CA PHE E 250 32.03 -15.85 24.65
C PHE E 250 31.98 -16.38 26.08
N THR E 251 31.14 -15.78 26.90
CA THR E 251 30.99 -16.23 28.28
C THR E 251 29.58 -15.97 28.80
N LEU E 252 29.04 -16.97 29.48
CA LEU E 252 27.72 -16.92 30.11
C LEU E 252 27.91 -16.72 31.61
N THR E 253 27.58 -15.54 32.10
CA THR E 253 27.95 -15.13 33.44
C THR E 253 26.72 -15.08 34.33
N ILE E 254 26.49 -16.12 35.11
CA ILE E 254 25.51 -16.09 36.17
C ILE E 254 26.13 -15.34 37.34
N SER E 255 25.38 -14.41 37.94
CA SER E 255 25.95 -13.59 39.01
C SER E 255 25.76 -14.25 40.37
N ARG E 256 24.61 -14.87 40.61
CA ARG E 256 24.34 -15.55 41.86
C ARG E 256 23.62 -16.85 41.57
N LEU E 257 24.21 -17.97 41.97
CA LEU E 257 23.62 -19.28 41.72
C LEU E 257 22.35 -19.48 42.53
N GLU E 258 21.56 -20.47 42.10
CA GLU E 258 20.40 -20.93 42.84
C GLU E 258 20.43 -22.44 42.92
N ALA E 259 19.42 -23.04 43.56
CA ALA E 259 19.35 -24.49 43.61
C ALA E 259 18.73 -25.07 42.34
N GLU E 260 18.26 -24.21 41.43
CA GLU E 260 17.65 -24.67 40.19
C GLU E 260 18.41 -24.23 38.95
N ASP E 261 19.45 -23.42 39.11
CA ASP E 261 20.38 -23.12 38.02
C ASP E 261 21.41 -24.21 37.83
N VAL E 262 21.32 -25.32 38.56
CA VAL E 262 22.25 -26.42 38.37
C VAL E 262 21.76 -27.31 37.24
N GLY E 263 22.66 -27.60 36.31
CA GLY E 263 22.34 -28.38 35.14
C GLY E 263 23.42 -28.22 34.09
N VAL E 264 23.15 -28.74 32.90
CA VAL E 264 24.11 -28.78 31.82
C VAL E 264 23.85 -27.56 30.94
N TYR E 265 24.90 -26.82 30.62
CA TYR E 265 24.75 -25.51 29.99
C TYR E 265 25.32 -25.57 28.59
N TYR E 266 24.46 -25.79 27.60
CA TYR E 266 24.88 -26.00 26.23
C TYR E 266 25.02 -24.69 25.49
N CYS E 267 25.76 -24.74 24.39
CA CYS E 267 25.88 -23.59 23.49
C CYS E 267 25.72 -24.13 22.07
N MET E 268 24.97 -23.38 21.27
CA MET E 268 24.74 -23.72 19.87
C MET E 268 25.14 -22.51 19.02
N GLN E 269 25.45 -22.74 17.76
CA GLN E 269 25.56 -21.64 16.82
C GLN E 269 24.38 -21.64 15.86
N HIS E 270 24.16 -20.51 15.20
CA HIS E 270 23.14 -20.43 14.17
C HIS E 270 23.62 -19.57 12.99
N LEU E 271 24.93 -19.48 12.77
CA LEU E 271 25.43 -18.62 11.71
C LEU E 271 25.22 -19.24 10.35
N GLU E 272 25.35 -20.55 10.26
CA GLU E 272 25.15 -21.24 9.01
C GLU E 272 24.75 -22.66 9.34
N TYR E 273 24.22 -23.34 8.36
CA TYR E 273 23.80 -24.70 8.63
C TYR E 273 24.93 -25.66 8.26
N PRO E 274 25.10 -26.76 9.01
CA PRO E 274 24.34 -27.29 10.15
C PRO E 274 24.47 -26.52 11.45
N LEU E 275 23.46 -26.67 12.30
CA LEU E 275 23.51 -26.17 13.65
C LEU E 275 24.22 -27.20 14.52
N THR E 276 25.21 -26.76 15.29
CA THR E 276 26.07 -27.68 16.01
C THR E 276 26.13 -27.28 17.47
N PHE E 277 25.80 -28.21 18.35
CA PHE E 277 26.04 -28.06 19.77
C PHE E 277 27.38 -28.69 20.11
N GLY E 278 27.98 -28.22 21.19
CA GLY E 278 29.05 -28.95 21.80
C GLY E 278 28.56 -29.77 22.97
N ALA E 279 29.47 -30.52 23.58
CA ALA E 279 29.15 -31.21 24.82
C ALA E 279 28.98 -30.16 25.90
N GLY E 280 28.07 -30.39 26.83
CA GLY E 280 27.70 -29.34 27.76
C GLY E 280 28.63 -29.26 28.95
N THR E 281 28.57 -28.11 29.61
CA THR E 281 29.29 -27.88 30.86
C THR E 281 28.40 -28.27 32.02
N LYS E 282 28.60 -29.46 32.56
CA LYS E 282 27.78 -29.93 33.66
C LYS E 282 28.13 -29.18 34.94
N LEU E 283 27.11 -28.75 35.67
CA LEU E 283 27.29 -28.10 36.96
C LEU E 283 26.78 -29.04 38.04
N GLU E 284 27.46 -29.01 39.19
CA GLU E 284 27.09 -29.84 40.33
C GLU E 284 26.87 -28.92 41.52
N LEU E 285 26.18 -29.44 42.54
CA LEU E 285 25.92 -28.67 43.75
C LEU E 285 26.12 -29.52 44.99
N CYS F 2 7.67 -14.32 -56.13
CA CYS F 2 7.92 -13.77 -54.81
C CYS F 2 7.39 -14.70 -53.75
N PHE F 3 8.10 -14.77 -52.63
CA PHE F 3 7.73 -15.65 -51.53
C PHE F 3 8.29 -15.11 -50.23
N LYS F 5 9.05 -12.57 -47.68
CA LYS F 5 9.16 -11.12 -47.59
C LYS F 5 10.00 -10.54 -48.71
N THR F 6 10.24 -11.34 -49.76
CA THR F 6 11.08 -10.91 -50.86
C THR F 6 10.71 -11.69 -52.11
N CYS F 7 11.44 -11.42 -53.19
CA CYS F 7 11.28 -12.16 -54.44
C CYS F 7 12.58 -12.84 -54.83
#